data_4X93
#
_entry.id   4X93
#
_cell.length_a   86.820
_cell.length_b   86.820
_cell.length_c   365.848
_cell.angle_alpha   90.000
_cell.angle_beta   90.000
_cell.angle_gamma   90.000
#
_symmetry.space_group_name_H-M   'P 43 21 2'
#
loop_
_entity.id
_entity.type
_entity.pdbx_description
1 polymer 'Group XV phospholipase A2'
2 non-polymer 2-acetamido-2-deoxy-beta-D-glucopyranose
3 non-polymer '4-(2-HYDROXYETHYL)-1-PIPERAZINE ETHANESULFONIC ACID'
4 non-polymer DI(HYDROXYETHYL)ETHER
5 non-polymer 3,6,9,12,15,18,21-HEPTAOXATRICOSANE-1,23-DIOL
6 water water
#
_entity_poly.entity_id   1
_entity_poly.type   'polypeptide(L)'
_entity_poly.pdbx_seq_one_letter_code
;GAGRHPPVVLVPGDLGNQLEAKLDKPTVVHYLCSKKTESYFTIWLNLELLLPVIIDCWIDNIRLVYNKTSRATQFPDGVD
VRVPGFGKTFSLEFLDPSKSSVGSYFHTMVESLVGWGYTRGEDVRGAPYDWRRAPNENGPYFLALREMIEEMYQLYGGPV
VLVAHSMGNMYTLYFLQRQPQAWKDKYIRAFVSLGAPWGGVAKTLRVLASGDNNRIPVIGPLKIREQQRSAVSTSWLLPY
NYTWSPEKVFVQTPTINYTLRDYRKFFQDIGFEDGWLMRQDTEGLVEATMPPGVQLHCLYGTGVPTPDSFYYESFPDRDP
KICFGDGDGTVNLKSALQCQAWQSRQEHQVLLQELPGSEHIEMLANATTLAYLKRVLLGP
;
_entity_poly.pdbx_strand_id   A,B
#
# COMPACT_ATOMS: atom_id res chain seq x y z
N HIS A 5 -18.02 16.23 -5.69
CA HIS A 5 -18.43 14.88 -5.24
C HIS A 5 -17.22 13.98 -4.97
N PRO A 6 -17.32 13.14 -3.95
CA PRO A 6 -16.13 12.40 -3.57
C PRO A 6 -15.88 11.20 -4.47
N PRO A 7 -14.63 10.77 -4.60
CA PRO A 7 -14.34 9.57 -5.38
C PRO A 7 -14.99 8.32 -4.79
N VAL A 8 -15.29 7.37 -5.68
CA VAL A 8 -16.06 6.20 -5.32
C VAL A 8 -15.34 4.94 -5.78
N VAL A 9 -15.25 3.96 -4.88
CA VAL A 9 -14.72 2.63 -5.19
C VAL A 9 -15.82 1.60 -4.99
N LEU A 10 -16.00 0.75 -6.01
CA LEU A 10 -17.03 -0.27 -6.02
C LEU A 10 -16.41 -1.65 -5.75
N VAL A 11 -17.00 -2.36 -4.79
CA VAL A 11 -16.51 -3.68 -4.38
C VAL A 11 -17.63 -4.69 -4.61
N PRO A 12 -17.40 -5.65 -5.52
CA PRO A 12 -18.45 -6.59 -5.87
C PRO A 12 -18.56 -7.78 -4.93
N GLY A 13 -19.60 -8.57 -5.12
CA GLY A 13 -19.78 -9.79 -4.36
C GLY A 13 -19.32 -11.02 -5.12
N ASP A 14 -19.75 -12.18 -4.62
CA ASP A 14 -19.47 -13.46 -5.24
C ASP A 14 -20.02 -13.51 -6.66
N LEU A 15 -19.25 -14.07 -7.58
CA LEU A 15 -19.57 -14.06 -9.01
C LEU A 15 -19.61 -12.68 -9.64
N GLY A 16 -19.11 -11.68 -8.92
CA GLY A 16 -19.40 -10.29 -9.24
C GLY A 16 -18.42 -9.55 -10.10
N ASN A 17 -17.46 -10.26 -10.67
CA ASN A 17 -16.58 -9.68 -11.68
C ASN A 17 -16.03 -10.72 -12.60
N GLN A 18 -15.61 -10.27 -13.78
CA GLN A 18 -15.04 -11.16 -14.75
C GLN A 18 -13.79 -11.86 -14.22
N LEU A 19 -13.54 -13.05 -14.72
CA LEU A 19 -12.29 -13.78 -14.53
C LEU A 19 -11.79 -14.27 -15.87
N GLU A 20 -10.47 -14.30 -16.04
CA GLU A 20 -9.84 -14.78 -17.26
C GLU A 20 -8.89 -15.93 -16.97
N ALA A 21 -8.74 -16.85 -17.90
CA ALA A 21 -7.85 -17.99 -17.71
C ALA A 21 -6.99 -18.26 -18.92
N LYS A 22 -5.85 -18.89 -18.67
CA LYS A 22 -4.96 -19.38 -19.73
C LYS A 22 -4.55 -20.80 -19.39
N LEU A 23 -4.46 -21.66 -20.40
CA LEU A 23 -4.30 -23.09 -20.17
C LEU A 23 -3.03 -23.65 -20.82
N ASP A 24 -2.37 -24.55 -20.09
CA ASP A 24 -1.35 -25.44 -20.64
C ASP A 24 -1.33 -26.72 -19.79
N LYS A 25 -2.40 -27.51 -19.92
CA LYS A 25 -2.68 -28.61 -19.00
C LYS A 25 -1.97 -29.87 -19.48
N PRO A 26 -1.46 -30.69 -18.55
CA PRO A 26 -0.90 -31.99 -18.97
C PRO A 26 -1.98 -32.98 -19.41
N THR A 27 -3.14 -32.94 -18.78
CA THR A 27 -4.23 -33.86 -19.09
C THR A 27 -5.58 -33.15 -18.97
N VAL A 28 -6.60 -33.74 -19.57
CA VAL A 28 -7.97 -33.21 -19.50
C VAL A 28 -8.94 -34.31 -19.09
N VAL A 29 -10.11 -33.91 -18.60
CA VAL A 29 -11.12 -34.87 -18.15
C VAL A 29 -11.93 -35.51 -19.28
N HIS A 30 -12.07 -34.84 -20.42
CA HIS A 30 -12.58 -35.51 -21.63
C HIS A 30 -12.04 -34.85 -22.85
N TYR A 31 -12.16 -35.57 -23.96
CA TYR A 31 -11.52 -35.15 -25.21
C TYR A 31 -11.95 -33.80 -25.74
N LEU A 32 -13.18 -33.40 -25.44
CA LEU A 32 -13.67 -32.11 -25.92
C LEU A 32 -13.10 -30.93 -25.11
N CYS A 33 -12.34 -31.21 -24.07
CA CYS A 33 -11.70 -30.13 -23.29
C CYS A 33 -10.41 -29.68 -23.94
N SER A 34 -10.21 -28.37 -24.09
CA SER A 34 -8.96 -27.83 -24.58
C SER A 34 -7.83 -28.03 -23.57
N LYS A 35 -6.67 -28.47 -24.05
CA LYS A 35 -5.45 -28.60 -23.22
C LYS A 35 -4.69 -27.30 -23.10
N LYS A 36 -4.70 -26.51 -24.18
CA LYS A 36 -3.83 -25.37 -24.26
C LYS A 36 -4.50 -24.21 -24.97
N THR A 37 -4.26 -23.00 -24.48
CA THR A 37 -4.66 -21.78 -25.20
C THR A 37 -3.45 -20.89 -25.37
N GLU A 38 -3.42 -20.14 -26.47
CA GLU A 38 -2.32 -19.21 -26.74
C GLU A 38 -2.43 -17.92 -25.93
N SER A 39 -3.65 -17.57 -25.52
CA SER A 39 -3.86 -16.38 -24.72
C SER A 39 -4.89 -16.63 -23.64
N TYR A 40 -5.12 -15.59 -22.85
CA TYR A 40 -6.18 -15.64 -21.84
C TYR A 40 -7.53 -15.52 -22.53
N PHE A 41 -8.54 -16.17 -21.96
CA PHE A 41 -9.90 -16.06 -22.44
C PHE A 41 -10.79 -15.83 -21.22
N THR A 42 -12.00 -15.34 -21.45
CA THR A 42 -12.93 -15.10 -20.36
C THR A 42 -13.53 -16.41 -19.86
N ILE A 43 -13.28 -16.73 -18.60
CA ILE A 43 -13.80 -17.94 -17.98
C ILE A 43 -15.06 -17.68 -17.13
N TRP A 44 -15.27 -16.43 -16.73
CA TRP A 44 -16.53 -15.98 -16.15
C TRP A 44 -16.77 -14.54 -16.58
N LEU A 45 -17.93 -14.19 -17.17
CA LEU A 45 -19.04 -15.10 -17.49
C LEU A 45 -19.07 -15.33 -19.00
N ASN A 46 -19.01 -16.59 -19.41
CA ASN A 46 -19.13 -16.96 -20.82
C ASN A 46 -20.06 -18.14 -20.93
N LEU A 47 -21.26 -17.89 -21.47
CA LEU A 47 -22.34 -18.86 -21.44
C LEU A 47 -22.02 -20.11 -22.26
N GLU A 48 -21.19 -19.97 -23.27
CA GLU A 48 -20.86 -21.09 -24.13
C GLU A 48 -20.04 -22.18 -23.41
N LEU A 49 -19.40 -21.83 -22.31
CA LEU A 49 -18.57 -22.78 -21.56
C LEU A 49 -19.41 -23.65 -20.62
N LEU A 50 -20.66 -23.25 -20.41
CA LEU A 50 -21.51 -23.87 -19.40
C LEU A 50 -22.56 -24.84 -19.97
N LEU A 51 -22.50 -25.11 -21.30
CA LEU A 51 -23.36 -26.11 -21.91
C LEU A 51 -23.06 -27.53 -21.38
N PRO A 52 -24.04 -28.45 -21.46
CA PRO A 52 -23.87 -29.74 -20.80
C PRO A 52 -22.61 -30.44 -21.31
N VAL A 53 -22.45 -30.56 -22.63
CA VAL A 53 -21.24 -31.16 -23.29
C VAL A 53 -19.83 -30.69 -22.82
N ILE A 54 -19.70 -29.56 -22.11
CA ILE A 54 -18.39 -28.99 -21.83
C ILE A 54 -18.31 -28.33 -20.46
N ILE A 55 -19.39 -28.26 -19.71
CA ILE A 55 -19.38 -27.80 -18.32
C ILE A 55 -18.32 -28.52 -17.46
N ASP A 56 -18.06 -29.79 -17.74
CA ASP A 56 -17.03 -30.52 -17.01
C ASP A 56 -15.62 -29.93 -17.24
N CYS A 57 -15.37 -29.46 -18.47
CA CYS A 57 -14.13 -28.75 -18.79
C CYS A 57 -14.03 -27.47 -17.96
N TRP A 58 -15.12 -26.72 -17.91
CA TRP A 58 -15.16 -25.47 -17.15
C TRP A 58 -14.90 -25.69 -15.67
N ILE A 59 -15.60 -26.67 -15.10
CA ILE A 59 -15.40 -27.06 -13.70
C ILE A 59 -13.92 -27.40 -13.45
N ASP A 60 -13.34 -28.18 -14.36
CA ASP A 60 -11.95 -28.60 -14.18
C ASP A 60 -10.97 -27.43 -14.17
N ASN A 61 -11.32 -26.35 -14.84
CA ASN A 61 -10.46 -25.16 -14.93
C ASN A 61 -10.72 -24.12 -13.85
N ILE A 62 -11.98 -23.97 -13.45
CA ILE A 62 -12.33 -22.92 -12.50
C ILE A 62 -12.35 -23.39 -11.02
N ARG A 63 -12.32 -24.70 -10.80
CA ARG A 63 -12.18 -25.22 -9.45
C ARG A 63 -10.85 -24.79 -8.84
N LEU A 64 -10.83 -24.63 -7.52
CA LEU A 64 -9.59 -24.52 -6.74
C LEU A 64 -9.21 -25.90 -6.17
N VAL A 65 -7.91 -26.16 -6.09
CA VAL A 65 -7.40 -27.36 -5.47
C VAL A 65 -6.96 -27.00 -4.03
N TYR A 66 -7.45 -27.74 -3.05
CA TYR A 66 -7.08 -27.50 -1.67
C TYR A 66 -5.88 -28.37 -1.30
N ASN A 67 -4.80 -27.74 -0.83
CA ASN A 67 -3.62 -28.46 -0.38
C ASN A 67 -3.65 -28.53 1.14
N LYS A 68 -3.86 -29.72 1.68
CA LYS A 68 -4.00 -29.93 3.13
C LYS A 68 -2.71 -29.64 3.91
N THR A 69 -1.57 -29.82 3.26
CA THR A 69 -0.26 -29.59 3.88
C THR A 69 0.01 -28.11 4.06
N SER A 70 -0.16 -27.33 3.00
CA SER A 70 0.05 -25.89 3.09
C SER A 70 -1.15 -25.15 3.64
N ARG A 71 -2.31 -25.81 3.76
CA ARG A 71 -3.56 -25.16 4.13
C ARG A 71 -3.84 -23.96 3.24
N ALA A 72 -3.73 -24.18 1.94
CA ALA A 72 -3.86 -23.11 0.96
C ALA A 72 -4.45 -23.70 -0.31
N THR A 73 -5.11 -22.86 -1.12
CA THR A 73 -5.65 -23.30 -2.39
C THR A 73 -4.63 -23.01 -3.48
N GLN A 74 -4.71 -23.80 -4.55
CA GLN A 74 -3.90 -23.56 -5.73
C GLN A 74 -4.75 -23.82 -6.96
N PHE A 75 -4.31 -23.31 -8.10
CA PHE A 75 -5.01 -23.57 -9.35
C PHE A 75 -4.65 -24.98 -9.83
N PRO A 76 -5.52 -25.61 -10.65
CA PRO A 76 -5.15 -26.90 -11.22
C PRO A 76 -3.87 -26.80 -12.04
N ASP A 77 -3.17 -27.92 -12.20
CA ASP A 77 -1.92 -27.93 -12.95
C ASP A 77 -2.15 -27.34 -14.34
N GLY A 78 -1.28 -26.40 -14.72
CA GLY A 78 -1.34 -25.78 -16.04
C GLY A 78 -2.47 -24.79 -16.26
N VAL A 79 -3.10 -24.32 -15.19
CA VAL A 79 -4.14 -23.32 -15.32
C VAL A 79 -3.70 -22.05 -14.60
N ASP A 80 -3.85 -20.91 -15.27
CA ASP A 80 -3.74 -19.63 -14.59
C ASP A 80 -5.04 -18.86 -14.70
N VAL A 81 -5.42 -18.21 -13.60
CA VAL A 81 -6.63 -17.42 -13.56
C VAL A 81 -6.30 -16.03 -13.05
N ARG A 82 -6.70 -14.99 -13.77
CA ARG A 82 -6.43 -13.62 -13.36
C ARG A 82 -7.69 -12.78 -13.36
N VAL A 83 -7.62 -11.65 -12.65
CA VAL A 83 -8.74 -10.73 -12.51
C VAL A 83 -8.47 -9.52 -13.40
N PRO A 84 -9.25 -9.35 -14.47
CA PRO A 84 -9.08 -8.14 -15.30
C PRO A 84 -9.76 -6.92 -14.68
N GLY A 85 -9.38 -5.74 -15.13
CA GLY A 85 -10.17 -4.52 -14.89
C GLY A 85 -10.04 -3.85 -13.54
N PHE A 86 -8.96 -4.15 -12.82
CA PHE A 86 -8.74 -3.47 -11.53
C PHE A 86 -8.52 -1.99 -11.79
N GLY A 87 -9.28 -1.15 -11.09
CA GLY A 87 -9.18 0.29 -11.29
C GLY A 87 -10.13 0.79 -12.33
N LYS A 88 -10.78 -0.12 -13.07
CA LYS A 88 -11.75 0.21 -14.11
C LYS A 88 -13.12 -0.28 -13.64
N THR A 89 -14.15 -0.12 -14.47
CA THR A 89 -15.49 -0.56 -14.09
C THR A 89 -16.09 -1.62 -15.00
N PHE A 90 -15.51 -1.81 -16.18
CA PHE A 90 -16.14 -2.67 -17.17
C PHE A 90 -16.39 -4.10 -16.67
N SER A 91 -15.46 -4.63 -15.87
CA SER A 91 -15.51 -6.04 -15.48
C SER A 91 -16.48 -6.32 -14.34
N LEU A 92 -16.94 -5.29 -13.66
CA LEU A 92 -18.08 -5.44 -12.75
C LEU A 92 -19.39 -4.87 -13.26
N GLU A 93 -19.37 -4.05 -14.31
CA GLU A 93 -20.63 -3.55 -14.90
C GLU A 93 -21.36 -4.68 -15.61
N PHE A 94 -20.59 -5.46 -16.37
CA PHE A 94 -21.10 -6.57 -17.15
C PHE A 94 -20.22 -7.79 -16.89
N LEU A 95 -20.85 -8.86 -16.44
CA LEU A 95 -20.10 -10.09 -16.14
C LEU A 95 -19.71 -10.82 -17.41
N ASP A 96 -20.58 -10.71 -18.42
CA ASP A 96 -20.35 -11.29 -19.73
C ASP A 96 -19.88 -10.18 -20.66
N PRO A 97 -18.67 -10.31 -21.24
CA PRO A 97 -18.17 -9.26 -22.12
C PRO A 97 -18.98 -9.05 -23.40
N SER A 98 -19.88 -9.97 -23.75
CA SER A 98 -20.89 -9.71 -24.79
C SER A 98 -21.87 -8.61 -24.39
N LYS A 99 -21.90 -8.27 -23.10
CA LYS A 99 -22.71 -7.18 -22.52
C LYS A 99 -24.18 -7.54 -22.51
N SER A 100 -24.46 -8.83 -22.50
CA SER A 100 -25.83 -9.31 -22.37
C SER A 100 -26.46 -8.89 -21.03
N SER A 101 -27.77 -8.69 -21.04
CA SER A 101 -28.50 -8.25 -19.85
C SER A 101 -28.41 -9.27 -18.70
N VAL A 102 -28.24 -10.55 -19.06
CA VAL A 102 -28.06 -11.63 -18.09
C VAL A 102 -26.88 -11.33 -17.13
N GLY A 103 -25.85 -10.66 -17.63
CA GLY A 103 -24.69 -10.35 -16.79
C GLY A 103 -24.64 -8.91 -16.30
N SER A 104 -25.70 -8.14 -16.46
CA SER A 104 -25.66 -6.75 -16.03
C SER A 104 -25.70 -6.70 -14.51
N TYR A 105 -24.67 -6.12 -13.90
CA TYR A 105 -24.49 -6.20 -12.46
C TYR A 105 -24.35 -4.77 -11.89
N PHE A 106 -23.17 -4.15 -11.99
CA PHE A 106 -23.03 -2.75 -11.55
C PHE A 106 -23.37 -1.73 -12.65
N HIS A 107 -23.77 -2.19 -13.83
CA HIS A 107 -23.97 -1.26 -14.95
C HIS A 107 -24.96 -0.13 -14.68
N THR A 108 -26.11 -0.43 -14.10
CA THR A 108 -27.12 0.59 -13.88
C THR A 108 -26.58 1.65 -12.90
N MET A 109 -25.90 1.19 -11.85
CA MET A 109 -25.33 2.12 -10.87
C MET A 109 -24.24 3.03 -11.48
N VAL A 110 -23.37 2.44 -12.30
CA VAL A 110 -22.32 3.23 -12.94
C VAL A 110 -22.92 4.24 -13.94
N GLU A 111 -23.93 3.82 -14.71
CA GLU A 111 -24.62 4.76 -15.58
C GLU A 111 -25.14 5.96 -14.81
N SER A 112 -25.74 5.72 -13.66
CA SER A 112 -26.22 6.83 -12.81
C SER A 112 -25.10 7.73 -12.34
N LEU A 113 -24.01 7.12 -11.84
CA LEU A 113 -22.85 7.88 -11.39
C LEU A 113 -22.30 8.79 -12.50
N VAL A 114 -22.17 8.23 -13.70
CA VAL A 114 -21.67 8.99 -14.85
C VAL A 114 -22.63 10.15 -15.17
N GLY A 115 -23.93 9.90 -15.13
CA GLY A 115 -24.93 10.94 -15.31
C GLY A 115 -24.79 12.06 -14.28
N TRP A 116 -24.31 11.73 -13.08
CA TRP A 116 -24.07 12.73 -12.03
C TRP A 116 -22.71 13.43 -12.14
N GLY A 117 -21.90 13.04 -13.12
CA GLY A 117 -20.64 13.71 -13.38
C GLY A 117 -19.38 12.90 -13.10
N TYR A 118 -19.52 11.62 -12.77
CA TYR A 118 -18.35 10.74 -12.57
C TYR A 118 -17.80 10.28 -13.91
N THR A 119 -16.55 9.82 -13.89
CA THR A 119 -15.83 9.34 -15.06
C THR A 119 -15.23 7.97 -14.79
N ARG A 120 -15.60 6.98 -15.60
CA ARG A 120 -15.10 5.61 -15.46
C ARG A 120 -13.59 5.57 -15.41
N GLY A 121 -13.02 4.89 -14.41
CA GLY A 121 -11.59 4.71 -14.37
C GLY A 121 -10.82 5.87 -13.77
N GLU A 122 -11.53 6.95 -13.45
CA GLU A 122 -10.97 8.11 -12.80
C GLU A 122 -11.55 8.22 -11.40
N ASP A 123 -12.65 8.96 -11.22
CA ASP A 123 -13.19 9.17 -9.87
C ASP A 123 -14.25 8.12 -9.47
N VAL A 124 -14.57 7.21 -10.38
CA VAL A 124 -15.26 5.98 -10.01
C VAL A 124 -14.43 4.82 -10.53
N ARG A 125 -14.05 3.93 -9.62
CA ARG A 125 -13.24 2.78 -9.99
C ARG A 125 -13.75 1.51 -9.33
N GLY A 126 -13.57 0.39 -10.03
CA GLY A 126 -13.87 -0.91 -9.46
C GLY A 126 -12.68 -1.54 -8.77
N ALA A 127 -12.98 -2.35 -7.77
CA ALA A 127 -11.99 -3.15 -7.07
C ALA A 127 -12.37 -4.63 -7.16
N PRO A 128 -12.35 -5.19 -8.37
CA PRO A 128 -12.61 -6.62 -8.55
C PRO A 128 -11.52 -7.51 -7.93
N TYR A 129 -11.89 -8.74 -7.61
CA TYR A 129 -10.97 -9.69 -6.99
C TYR A 129 -11.37 -11.11 -7.35
N ASP A 130 -10.51 -12.05 -7.01
CA ASP A 130 -10.80 -13.46 -7.22
C ASP A 130 -11.74 -13.91 -6.11
N TRP A 131 -13.04 -13.86 -6.41
CA TRP A 131 -14.10 -14.09 -5.43
C TRP A 131 -14.25 -15.58 -5.01
N ARG A 132 -13.47 -16.47 -5.62
CA ARG A 132 -13.43 -17.86 -5.20
C ARG A 132 -12.65 -18.00 -3.88
N ARG A 133 -11.79 -17.04 -3.59
CA ARG A 133 -10.98 -17.05 -2.39
C ARG A 133 -11.53 -16.13 -1.34
N ALA A 134 -11.14 -16.41 -0.10
CA ALA A 134 -11.44 -15.57 1.04
C ALA A 134 -10.27 -14.62 1.22
N PRO A 135 -10.41 -13.62 2.12
CA PRO A 135 -9.38 -12.60 2.23
C PRO A 135 -7.96 -13.08 2.58
N ASN A 136 -7.86 -14.21 3.25
CA ASN A 136 -6.56 -14.77 3.62
C ASN A 136 -5.67 -15.08 2.43
N GLU A 137 -6.29 -15.30 1.27
CA GLU A 137 -5.51 -15.58 0.05
C GLU A 137 -5.63 -14.47 -0.99
N ASN A 138 -5.95 -13.27 -0.55
CA ASN A 138 -6.02 -12.12 -1.45
C ASN A 138 -5.30 -10.92 -0.85
N GLY A 139 -4.15 -11.20 -0.21
CA GLY A 139 -3.30 -10.14 0.34
C GLY A 139 -2.95 -9.04 -0.66
N PRO A 140 -2.46 -9.42 -1.85
CA PRO A 140 -2.11 -8.40 -2.85
C PRO A 140 -3.26 -7.48 -3.25
N TYR A 141 -4.47 -8.04 -3.34
CA TYR A 141 -5.67 -7.23 -3.58
C TYR A 141 -5.81 -6.10 -2.56
N PHE A 142 -5.66 -6.41 -1.28
CA PHE A 142 -5.81 -5.37 -0.24
C PHE A 142 -4.73 -4.31 -0.29
N LEU A 143 -3.51 -4.70 -0.65
CA LEU A 143 -2.45 -3.73 -0.87
C LEU A 143 -2.81 -2.78 -2.04
N ALA A 144 -3.28 -3.37 -3.14
CA ALA A 144 -3.65 -2.58 -4.32
C ALA A 144 -4.84 -1.66 -4.02
N LEU A 145 -5.80 -2.16 -3.24
CA LEU A 145 -6.95 -1.36 -2.85
C LEU A 145 -6.53 -0.15 -2.02
N ARG A 146 -5.65 -0.38 -1.05
CA ARG A 146 -5.14 0.72 -0.23
C ARG A 146 -4.43 1.76 -1.09
N GLU A 147 -3.57 1.31 -2.00
CA GLU A 147 -2.88 2.24 -2.87
C GLU A 147 -3.83 3.02 -3.78
N MET A 148 -4.84 2.35 -4.31
CA MET A 148 -5.79 2.99 -5.21
C MET A 148 -6.60 4.06 -4.46
N ILE A 149 -7.02 3.75 -3.24
CA ILE A 149 -7.72 4.71 -2.41
C ILE A 149 -6.87 5.94 -2.14
N GLU A 150 -5.60 5.73 -1.79
CA GLU A 150 -4.68 6.86 -1.54
C GLU A 150 -4.53 7.75 -2.80
N GLU A 151 -4.38 7.09 -3.96
CA GLU A 151 -4.25 7.81 -5.23
C GLU A 151 -5.50 8.64 -5.53
N MET A 152 -6.66 8.04 -5.33
CA MET A 152 -7.91 8.71 -5.63
C MET A 152 -8.12 9.91 -4.72
N TYR A 153 -7.74 9.77 -3.45
CA TYR A 153 -7.77 10.87 -2.48
C TYR A 153 -6.96 12.06 -2.97
N GLN A 154 -5.73 11.76 -3.40
CA GLN A 154 -4.84 12.80 -3.88
C GLN A 154 -5.31 13.45 -5.18
N LEU A 155 -5.73 12.63 -6.13
CA LEU A 155 -6.13 13.13 -7.45
C LEU A 155 -7.41 13.92 -7.40
N TYR A 156 -8.39 13.43 -6.67
CA TYR A 156 -9.74 14.01 -6.75
C TYR A 156 -10.07 14.86 -5.53
N GLY A 157 -9.12 15.02 -4.60
CA GLY A 157 -9.21 16.07 -3.58
C GLY A 157 -10.08 15.81 -2.36
N GLY A 158 -10.35 14.55 -2.05
CA GLY A 158 -10.97 14.23 -0.78
C GLY A 158 -11.08 12.74 -0.53
N PRO A 159 -11.54 12.39 0.68
CA PRO A 159 -11.71 10.98 1.07
C PRO A 159 -12.75 10.24 0.22
N VAL A 160 -12.61 8.92 0.15
CA VAL A 160 -13.34 8.09 -0.78
C VAL A 160 -14.56 7.42 -0.13
N VAL A 161 -15.58 7.21 -0.94
CA VAL A 161 -16.76 6.47 -0.52
C VAL A 161 -16.65 5.06 -1.09
N LEU A 162 -16.67 4.07 -0.21
CA LEU A 162 -16.67 2.66 -0.61
C LEU A 162 -18.11 2.20 -0.74
N VAL A 163 -18.44 1.57 -1.87
CA VAL A 163 -19.77 1.02 -2.07
C VAL A 163 -19.58 -0.46 -2.34
N ALA A 164 -20.12 -1.31 -1.48
CA ALA A 164 -19.92 -2.77 -1.59
C ALA A 164 -21.23 -3.51 -1.62
N HIS A 165 -21.24 -4.62 -2.36
CA HIS A 165 -22.43 -5.44 -2.48
C HIS A 165 -22.15 -6.84 -2.02
N SER A 166 -23.08 -7.38 -1.24
CA SER A 166 -23.08 -8.79 -0.88
C SER A 166 -21.76 -9.16 -0.18
N MET A 167 -21.09 -10.22 -0.60
CA MET A 167 -19.81 -10.62 0.00
C MET A 167 -18.73 -9.53 -0.05
N GLY A 168 -18.84 -8.60 -0.99
CA GLY A 168 -17.92 -7.48 -1.04
C GLY A 168 -17.91 -6.69 0.28
N ASN A 169 -19.01 -6.71 1.01
CA ASN A 169 -19.06 -6.06 2.30
C ASN A 169 -18.14 -6.70 3.35
N MET A 170 -18.03 -8.01 3.29
CA MET A 170 -17.16 -8.75 4.20
C MET A 170 -15.69 -8.54 3.83
N TYR A 171 -15.39 -8.51 2.54
CA TYR A 171 -14.05 -8.10 2.05
C TYR A 171 -13.71 -6.69 2.56
N THR A 172 -14.64 -5.76 2.43
CA THR A 172 -14.42 -4.38 2.85
C THR A 172 -14.24 -4.25 4.36
N LEU A 173 -15.07 -4.97 5.14
CA LEU A 173 -14.90 -4.97 6.59
C LEU A 173 -13.53 -5.52 7.03
N TYR A 174 -13.12 -6.63 6.41
CA TYR A 174 -11.79 -7.19 6.66
C TYR A 174 -10.73 -6.12 6.44
N PHE A 175 -10.80 -5.46 5.28
CA PHE A 175 -9.85 -4.44 4.93
C PHE A 175 -9.82 -3.32 5.99
N LEU A 176 -11.00 -2.79 6.32
CA LEU A 176 -11.07 -1.65 7.24
C LEU A 176 -10.65 -2.00 8.66
N GLN A 177 -11.00 -3.21 9.11
CA GLN A 177 -10.55 -3.67 10.44
C GLN A 177 -9.03 -3.68 10.59
N ARG A 178 -8.33 -3.87 9.47
CA ARG A 178 -6.88 -3.97 9.48
C ARG A 178 -6.14 -2.68 9.15
N GLN A 179 -6.86 -1.58 8.92
CA GLN A 179 -6.20 -0.31 8.71
C GLN A 179 -6.24 0.50 9.99
N PRO A 180 -5.17 1.23 10.30
CA PRO A 180 -5.19 2.08 11.49
C PRO A 180 -6.30 3.13 11.42
N GLN A 181 -6.83 3.49 12.58
CA GLN A 181 -7.90 4.48 12.66
C GLN A 181 -7.51 5.80 11.99
N ALA A 182 -6.26 6.24 12.16
CA ALA A 182 -5.81 7.50 11.56
C ALA A 182 -5.85 7.45 10.04
N TRP A 183 -5.54 6.27 9.46
CA TRP A 183 -5.59 6.10 8.02
C TRP A 183 -7.04 6.22 7.54
N LYS A 184 -7.96 5.57 8.25
CA LYS A 184 -9.36 5.59 7.86
C LYS A 184 -9.97 6.98 7.99
N ASP A 185 -9.58 7.70 9.03
CA ASP A 185 -10.05 9.07 9.27
C ASP A 185 -9.63 10.00 8.14
N LYS A 186 -8.46 9.78 7.58
CA LYS A 186 -7.97 10.60 6.48
C LYS A 186 -8.58 10.21 5.14
N TYR A 187 -8.61 8.91 4.85
CA TYR A 187 -8.85 8.45 3.48
C TYR A 187 -10.26 7.97 3.15
N ILE A 188 -11.07 7.66 4.16
CA ILE A 188 -12.40 7.10 3.93
C ILE A 188 -13.46 8.09 4.37
N ARG A 189 -14.35 8.43 3.44
CA ARG A 189 -15.45 9.34 3.74
C ARG A 189 -16.63 8.57 4.32
N ALA A 190 -16.97 7.44 3.69
CA ALA A 190 -18.10 6.64 4.12
C ALA A 190 -18.04 5.28 3.47
N PHE A 191 -18.79 4.35 4.04
CA PHE A 191 -18.91 2.98 3.56
C PHE A 191 -20.40 2.73 3.40
N VAL A 192 -20.84 2.56 2.15
CA VAL A 192 -22.21 2.25 1.82
C VAL A 192 -22.28 0.75 1.58
N SER A 193 -23.03 0.06 2.45
CA SER A 193 -23.04 -1.38 2.51
C SER A 193 -24.38 -1.88 1.98
N LEU A 194 -24.34 -2.61 0.87
CA LEU A 194 -25.56 -3.08 0.21
C LEU A 194 -25.71 -4.59 0.33
N GLY A 195 -26.70 -5.04 1.09
CA GLY A 195 -26.98 -6.48 1.20
C GLY A 195 -25.86 -7.29 1.82
N ALA A 196 -25.29 -6.77 2.91
CA ALA A 196 -24.17 -7.39 3.58
C ALA A 196 -24.57 -8.64 4.38
N PRO A 197 -23.90 -9.78 4.15
CA PRO A 197 -24.15 -11.01 4.88
C PRO A 197 -23.29 -11.08 6.14
N TRP A 198 -23.43 -10.09 7.03
CA TRP A 198 -22.75 -10.12 8.31
C TRP A 198 -23.18 -11.42 9.00
N GLY A 199 -22.24 -12.11 9.62
CA GLY A 199 -22.56 -13.37 10.29
C GLY A 199 -22.99 -14.52 9.39
N GLY A 200 -22.78 -14.41 8.09
CA GLY A 200 -23.04 -15.54 7.18
C GLY A 200 -24.51 -15.67 6.79
N VAL A 201 -24.79 -16.59 5.88
CA VAL A 201 -26.17 -16.80 5.40
C VAL A 201 -26.55 -18.28 5.46
N ALA A 202 -27.81 -18.55 5.82
CA ALA A 202 -28.24 -19.92 6.02
C ALA A 202 -28.17 -20.73 4.74
N LYS A 203 -28.42 -20.10 3.59
CA LYS A 203 -28.48 -20.87 2.35
C LYS A 203 -27.15 -21.51 1.93
N THR A 204 -26.04 -21.08 2.52
CA THR A 204 -24.73 -21.72 2.29
C THR A 204 -24.75 -23.23 2.60
N LEU A 205 -25.54 -23.65 3.57
CA LEU A 205 -25.64 -25.08 3.86
C LEU A 205 -26.21 -25.87 2.67
N ARG A 206 -27.24 -25.35 2.03
CA ARG A 206 -27.82 -26.02 0.87
C ARG A 206 -26.84 -26.01 -0.31
N VAL A 207 -26.16 -24.89 -0.51
CA VAL A 207 -25.15 -24.77 -1.57
C VAL A 207 -24.12 -25.88 -1.44
N LEU A 208 -23.56 -26.06 -0.24
CA LEU A 208 -22.54 -27.07 0.00
C LEU A 208 -23.08 -28.51 -0.07
N ALA A 209 -24.28 -28.73 0.45
CA ALA A 209 -24.85 -30.07 0.47
C ALA A 209 -25.24 -30.54 -0.93
N SER A 210 -26.05 -29.74 -1.63
CA SER A 210 -26.71 -30.22 -2.84
C SER A 210 -26.57 -29.30 -4.07
N GLY A 211 -25.84 -28.19 -3.93
CA GLY A 211 -25.62 -27.25 -5.03
C GLY A 211 -26.75 -26.25 -5.16
N ASP A 212 -26.46 -25.09 -5.75
CA ASP A 212 -27.45 -24.04 -5.94
C ASP A 212 -27.25 -23.40 -7.30
N ASN A 213 -28.15 -23.70 -8.23
CA ASN A 213 -28.05 -23.17 -9.60
C ASN A 213 -28.96 -22.01 -9.87
N ASN A 214 -29.66 -21.51 -8.87
CA ASN A 214 -30.68 -20.45 -9.10
C ASN A 214 -30.12 -19.22 -9.86
N ARG A 215 -28.82 -19.01 -9.70
CA ARG A 215 -28.18 -17.87 -10.38
C ARG A 215 -27.77 -18.21 -11.81
N ILE A 216 -27.56 -19.50 -12.08
CA ILE A 216 -27.11 -19.96 -13.40
C ILE A 216 -27.76 -21.34 -13.76
N PRO A 217 -29.07 -21.27 -14.15
CA PRO A 217 -29.93 -22.43 -14.35
C PRO A 217 -29.54 -23.34 -15.50
N VAL A 218 -28.66 -22.89 -16.40
CA VAL A 218 -28.13 -23.74 -17.45
C VAL A 218 -27.12 -24.77 -16.90
N ILE A 219 -26.68 -24.59 -15.64
CA ILE A 219 -25.86 -25.58 -14.97
C ILE A 219 -26.73 -26.35 -13.98
N GLY A 220 -26.67 -27.67 -14.13
CA GLY A 220 -27.29 -28.62 -13.19
C GLY A 220 -26.70 -28.50 -11.78
N PRO A 221 -27.52 -28.64 -10.76
CA PRO A 221 -27.10 -28.36 -9.40
C PRO A 221 -25.91 -29.19 -8.93
N LEU A 222 -25.90 -30.47 -9.27
CA LEU A 222 -24.79 -31.35 -8.77
C LEU A 222 -23.47 -31.05 -9.48
N LYS A 223 -23.57 -30.53 -10.69
CA LYS A 223 -22.38 -30.14 -11.45
C LYS A 223 -21.78 -28.87 -10.89
N ILE A 224 -22.60 -27.84 -10.70
CA ILE A 224 -22.13 -26.56 -10.17
C ILE A 224 -21.71 -26.65 -8.70
N ARG A 225 -22.25 -27.62 -7.96
CA ARG A 225 -21.83 -27.86 -6.57
C ARG A 225 -20.31 -28.06 -6.49
N GLU A 226 -19.74 -28.72 -7.49
CA GLU A 226 -18.29 -28.96 -7.54
C GLU A 226 -17.51 -27.67 -7.48
N GLN A 227 -17.91 -26.65 -8.24
CA GLN A 227 -17.25 -25.35 -8.19
C GLN A 227 -17.49 -24.67 -6.85
N GLN A 228 -18.74 -24.70 -6.41
CA GLN A 228 -19.14 -23.96 -5.20
C GLN A 228 -18.42 -24.50 -3.97
N ARG A 229 -18.24 -25.81 -3.88
CA ARG A 229 -17.50 -26.41 -2.78
C ARG A 229 -16.02 -26.00 -2.82
N SER A 230 -15.46 -25.94 -4.04
CA SER A 230 -14.03 -25.70 -4.18
C SER A 230 -13.62 -24.27 -3.82
N ALA A 231 -14.59 -23.36 -3.86
CA ALA A 231 -14.39 -21.98 -3.53
C ALA A 231 -14.38 -21.76 -2.02
N VAL A 232 -13.24 -21.34 -1.51
CA VAL A 232 -13.09 -21.07 -0.07
C VAL A 232 -14.15 -20.08 0.43
N SER A 233 -14.51 -19.11 -0.42
CA SER A 233 -15.47 -18.08 -0.04
C SER A 233 -16.85 -18.65 0.36
N THR A 234 -17.21 -19.80 -0.19
CA THR A 234 -18.47 -20.45 0.19
C THR A 234 -18.49 -20.87 1.66
N SER A 235 -17.45 -21.59 2.09
CA SER A 235 -17.35 -22.02 3.49
C SER A 235 -17.17 -20.85 4.46
N TRP A 236 -16.49 -19.82 4.00
CA TRP A 236 -16.31 -18.59 4.77
C TRP A 236 -17.64 -17.96 5.18
N LEU A 237 -18.66 -18.13 4.35
CA LEU A 237 -19.96 -17.51 4.58
C LEU A 237 -21.00 -18.38 5.28
N LEU A 238 -20.59 -19.52 5.82
CA LEU A 238 -21.48 -20.30 6.69
C LEU A 238 -21.84 -19.45 7.92
N PRO A 239 -23.04 -19.65 8.48
CA PRO A 239 -23.47 -18.91 9.66
C PRO A 239 -22.45 -18.87 10.81
N TYR A 240 -22.36 -17.71 11.44
CA TYR A 240 -21.48 -17.48 12.59
C TYR A 240 -22.27 -17.31 13.88
N ASN A 241 -21.67 -17.65 15.01
CA ASN A 241 -22.32 -17.56 16.31
C ASN A 241 -22.51 -16.16 16.88
N TYR A 242 -21.95 -15.16 16.24
CA TYR A 242 -22.19 -13.79 16.70
C TYR A 242 -23.48 -13.20 16.13
N THR A 243 -24.08 -13.92 15.18
CA THR A 243 -25.37 -13.56 14.60
C THR A 243 -26.44 -14.57 14.95
N TRP A 244 -26.08 -15.85 14.89
CA TRP A 244 -27.05 -16.93 15.04
C TRP A 244 -26.83 -17.65 16.36
N SER A 245 -27.89 -18.28 16.86
CA SER A 245 -27.83 -19.06 18.08
C SER A 245 -27.05 -20.36 17.83
N PRO A 246 -26.16 -20.74 18.76
CA PRO A 246 -25.45 -22.00 18.58
C PRO A 246 -26.37 -23.22 18.59
N GLU A 247 -27.60 -23.06 19.06
CA GLU A 247 -28.55 -24.17 19.06
C GLU A 247 -29.51 -24.20 17.87
N LYS A 248 -29.45 -23.22 16.98
CA LYS A 248 -30.31 -23.21 15.81
C LYS A 248 -29.94 -24.34 14.86
N VAL A 249 -30.92 -25.17 14.49
CA VAL A 249 -30.69 -26.25 13.54
C VAL A 249 -30.88 -25.72 12.13
N PHE A 250 -29.83 -25.74 11.32
CA PHE A 250 -29.87 -25.30 9.93
C PHE A 250 -30.22 -26.42 8.97
N VAL A 251 -29.79 -27.64 9.30
CA VAL A 251 -30.07 -28.80 8.49
C VAL A 251 -30.56 -29.92 9.41
N GLN A 252 -31.74 -30.43 9.10
CA GLN A 252 -32.33 -31.55 9.83
C GLN A 252 -32.49 -32.74 8.91
N THR A 253 -32.18 -33.91 9.45
CA THR A 253 -32.37 -35.17 8.75
C THR A 253 -33.08 -36.10 9.73
N PRO A 254 -33.49 -37.30 9.27
CA PRO A 254 -34.19 -38.19 10.21
C PRO A 254 -33.33 -38.66 11.40
N THR A 255 -32.00 -38.65 11.25
CA THR A 255 -31.10 -39.20 12.25
C THR A 255 -30.15 -38.20 12.90
N ILE A 256 -30.05 -36.98 12.39
CA ILE A 256 -29.06 -36.05 12.89
C ILE A 256 -29.42 -34.61 12.51
N ASN A 257 -29.12 -33.69 13.43
CA ASN A 257 -29.29 -32.26 13.21
C ASN A 257 -27.93 -31.56 13.12
N TYR A 258 -27.82 -30.59 12.23
CA TYR A 258 -26.60 -29.77 12.12
C TYR A 258 -26.90 -28.34 12.50
N THR A 259 -26.22 -27.90 13.57
CA THR A 259 -26.13 -26.51 14.00
C THR A 259 -24.77 -25.95 13.60
N LEU A 260 -24.51 -24.68 13.91
CA LEU A 260 -23.22 -24.08 13.57
C LEU A 260 -22.06 -24.65 14.39
N ARG A 261 -22.38 -25.41 15.43
CA ARG A 261 -21.33 -26.13 16.18
C ARG A 261 -21.01 -27.50 15.58
N ASP A 262 -21.66 -27.84 14.45
CA ASP A 262 -21.57 -29.18 13.88
C ASP A 262 -21.00 -29.19 12.46
N TYR A 263 -20.24 -28.18 12.08
CA TYR A 263 -19.73 -28.10 10.71
C TYR A 263 -18.78 -29.23 10.35
N ARG A 264 -17.96 -29.69 11.30
CA ARG A 264 -17.07 -30.80 11.00
C ARG A 264 -17.85 -32.06 10.60
N LYS A 265 -18.88 -32.39 11.37
CA LYS A 265 -19.79 -33.51 11.05
C LYS A 265 -20.47 -33.33 9.68
N PHE A 266 -20.96 -32.10 9.47
CA PHE A 266 -21.66 -31.74 8.23
C PHE A 266 -20.79 -32.01 7.01
N PHE A 267 -19.56 -31.53 7.08
CA PHE A 267 -18.63 -31.72 5.96
C PHE A 267 -18.25 -33.19 5.77
N GLN A 268 -18.08 -33.93 6.85
CA GLN A 268 -17.88 -35.38 6.73
C GLN A 268 -19.07 -36.04 6.05
N ASP A 269 -20.28 -35.67 6.48
CA ASP A 269 -21.47 -36.37 6.05
C ASP A 269 -21.91 -36.04 4.62
N ILE A 270 -21.52 -34.88 4.08
CA ILE A 270 -21.76 -34.60 2.69
C ILE A 270 -20.64 -35.06 1.76
N GLY A 271 -19.56 -35.58 2.35
CA GLY A 271 -18.44 -36.11 1.57
C GLY A 271 -17.48 -35.03 1.11
N PHE A 272 -17.29 -33.99 1.91
CA PHE A 272 -16.38 -32.91 1.56
C PHE A 272 -15.58 -32.40 2.76
N GLU A 273 -14.65 -33.24 3.22
CA GLU A 273 -13.89 -32.92 4.43
C GLU A 273 -12.99 -31.68 4.28
N ASP A 274 -12.51 -31.38 3.08
CA ASP A 274 -11.71 -30.17 2.85
C ASP A 274 -12.45 -28.90 3.24
N GLY A 275 -13.78 -28.91 3.11
CA GLY A 275 -14.56 -27.74 3.48
C GLY A 275 -14.40 -27.36 4.94
N TRP A 276 -14.23 -28.36 5.80
CA TRP A 276 -14.02 -28.10 7.22
C TRP A 276 -12.68 -27.40 7.43
N LEU A 277 -11.66 -27.85 6.70
CA LEU A 277 -10.34 -27.20 6.76
C LEU A 277 -10.45 -25.75 6.25
N MET A 278 -11.19 -25.53 5.18
CA MET A 278 -11.44 -24.18 4.68
C MET A 278 -12.14 -23.28 5.70
N ARG A 279 -13.15 -23.83 6.36
CA ARG A 279 -13.85 -23.10 7.41
C ARG A 279 -12.90 -22.74 8.55
N GLN A 280 -12.09 -23.70 9.00
CA GLN A 280 -11.10 -23.40 10.02
C GLN A 280 -10.13 -22.31 9.58
N ASP A 281 -9.71 -22.33 8.32
CA ASP A 281 -8.79 -21.30 7.80
C ASP A 281 -9.40 -19.90 7.84
N THR A 282 -10.72 -19.81 7.69
CA THR A 282 -11.37 -18.53 7.42
C THR A 282 -12.29 -17.96 8.52
N GLU A 283 -12.70 -18.79 9.48
CA GLU A 283 -13.71 -18.40 10.47
C GLU A 283 -13.27 -17.24 11.37
N GLY A 284 -11.97 -17.07 11.55
CA GLY A 284 -11.45 -16.01 12.39
C GLY A 284 -11.00 -14.76 11.66
N LEU A 285 -11.17 -14.68 10.34
CA LEU A 285 -10.61 -13.56 9.58
C LEU A 285 -11.24 -12.22 9.94
N VAL A 286 -12.55 -12.19 10.02
CA VAL A 286 -13.27 -10.97 10.36
C VAL A 286 -13.55 -10.97 11.85
N GLU A 287 -13.11 -9.94 12.54
CA GLU A 287 -13.30 -9.86 13.97
C GLU A 287 -14.79 -9.64 14.28
N ALA A 288 -15.34 -10.57 15.06
CA ALA A 288 -16.78 -10.68 15.31
C ALA A 288 -17.47 -9.37 15.73
N THR A 289 -16.81 -8.60 16.61
CA THR A 289 -17.46 -7.43 17.21
C THR A 289 -16.89 -6.09 16.76
N MET A 290 -15.69 -6.08 16.17
CA MET A 290 -14.99 -4.83 15.83
C MET A 290 -15.67 -4.10 14.68
N PRO A 291 -16.08 -2.84 14.88
CA PRO A 291 -16.76 -2.08 13.84
C PRO A 291 -15.75 -1.63 12.80
N PRO A 292 -16.22 -1.18 11.63
CA PRO A 292 -15.28 -0.73 10.61
C PRO A 292 -14.57 0.59 10.96
N GLY A 293 -15.19 1.40 11.80
CA GLY A 293 -14.56 2.63 12.25
C GLY A 293 -14.67 3.79 11.26
N VAL A 294 -15.68 3.73 10.39
CA VAL A 294 -15.99 4.81 9.45
C VAL A 294 -17.51 5.03 9.42
N GLN A 295 -17.93 6.14 8.83
CA GLN A 295 -19.35 6.40 8.65
C GLN A 295 -19.94 5.27 7.80
N LEU A 296 -20.99 4.64 8.31
CA LEU A 296 -21.52 3.42 7.70
C LEU A 296 -23.01 3.57 7.39
N HIS A 297 -23.39 3.23 6.16
CA HIS A 297 -24.79 3.20 5.76
C HIS A 297 -25.12 1.75 5.43
N CYS A 298 -25.91 1.11 6.29
CA CYS A 298 -26.29 -0.29 6.12
CA CYS A 298 -26.30 -0.29 6.14
C CYS A 298 -27.65 -0.41 5.45
N LEU A 299 -27.64 -0.80 4.18
CA LEU A 299 -28.86 -0.97 3.42
C LEU A 299 -29.18 -2.45 3.29
N TYR A 300 -30.37 -2.84 3.73
CA TYR A 300 -30.74 -4.26 3.75
C TYR A 300 -32.16 -4.44 3.27
N GLY A 301 -32.38 -5.48 2.48
CA GLY A 301 -33.72 -5.82 2.00
C GLY A 301 -34.52 -6.59 3.02
N THR A 302 -35.84 -6.35 3.02
CA THR A 302 -36.79 -7.16 3.79
C THR A 302 -37.97 -7.53 2.91
N GLY A 303 -38.83 -8.43 3.42
CA GLY A 303 -40.07 -8.78 2.76
C GLY A 303 -39.92 -9.75 1.61
N VAL A 304 -38.76 -10.39 1.50
CA VAL A 304 -38.52 -11.41 0.50
C VAL A 304 -38.26 -12.72 1.25
N PRO A 305 -39.02 -13.78 0.93
CA PRO A 305 -38.78 -15.05 1.63
C PRO A 305 -37.32 -15.49 1.47
N THR A 306 -36.66 -15.77 2.58
CA THR A 306 -35.24 -16.05 2.59
C THR A 306 -35.00 -17.40 3.28
N PRO A 307 -34.35 -18.35 2.59
CA PRO A 307 -34.05 -19.65 3.22
C PRO A 307 -33.38 -19.50 4.58
N ASP A 308 -33.95 -20.21 5.55
CA ASP A 308 -33.55 -20.16 6.95
C ASP A 308 -33.05 -21.52 7.45
N SER A 309 -33.60 -22.61 6.93
CA SER A 309 -33.20 -23.96 7.34
C SER A 309 -33.81 -24.97 6.38
N PHE A 310 -33.32 -26.21 6.49
CA PHE A 310 -33.57 -27.24 5.49
C PHE A 310 -33.84 -28.57 6.14
N TYR A 311 -34.75 -29.33 5.52
CA TYR A 311 -34.94 -30.73 5.85
C TYR A 311 -34.49 -31.59 4.67
N TYR A 312 -33.56 -32.49 4.99
CA TYR A 312 -33.09 -33.50 4.07
C TYR A 312 -33.52 -34.85 4.61
N GLU A 313 -33.99 -35.67 3.71
CA GLU A 313 -34.33 -37.07 4.01
C GLU A 313 -33.06 -37.90 4.14
N SER A 314 -32.02 -37.51 3.41
CA SER A 314 -30.67 -38.04 3.65
C SER A 314 -29.79 -37.12 2.88
N PHE A 315 -28.49 -37.42 2.81
CA PHE A 315 -27.62 -36.78 1.76
C PHE A 315 -27.22 -37.87 0.76
N PRO A 316 -27.40 -37.71 -0.56
CA PRO A 316 -27.88 -36.48 -1.20
C PRO A 316 -29.38 -36.49 -1.60
N ASP A 317 -30.11 -35.43 -1.25
CA ASP A 317 -31.56 -35.37 -1.45
C ASP A 317 -31.82 -34.46 -2.63
N ARG A 318 -32.47 -34.97 -3.67
CA ARG A 318 -32.80 -34.16 -4.89
C ARG A 318 -33.43 -32.77 -4.55
N ASP A 319 -34.50 -32.83 -3.77
CA ASP A 319 -35.20 -31.66 -3.32
C ASP A 319 -35.06 -31.73 -1.82
N PRO A 320 -34.28 -30.82 -1.15
CA PRO A 320 -34.59 -30.59 0.31
C PRO A 320 -35.81 -29.68 0.55
N LYS A 321 -36.47 -29.88 1.68
CA LYS A 321 -37.61 -29.05 2.04
C LYS A 321 -37.08 -27.79 2.66
N ILE A 322 -37.70 -26.64 2.44
CA ILE A 322 -37.11 -25.37 2.84
C ILE A 322 -38.02 -24.60 3.78
N CYS A 323 -37.42 -24.11 4.86
CA CYS A 323 -38.07 -23.18 5.79
C CYS A 323 -37.57 -21.76 5.51
N PHE A 324 -38.49 -20.80 5.43
CA PHE A 324 -38.15 -19.44 5.03
C PHE A 324 -38.36 -18.46 6.16
N GLY A 325 -37.45 -17.49 6.28
CA GLY A 325 -37.64 -16.34 7.16
C GLY A 325 -37.57 -15.05 6.37
N ASP A 326 -37.38 -13.93 7.07
CA ASP A 326 -37.36 -12.63 6.43
C ASP A 326 -35.94 -12.28 5.97
N GLY A 327 -35.84 -11.34 5.04
CA GLY A 327 -34.57 -10.90 4.46
C GLY A 327 -34.78 -10.45 3.02
N ASP A 328 -33.73 -10.59 2.19
CA ASP A 328 -33.76 -10.12 0.81
C ASP A 328 -33.74 -11.23 -0.22
N GLY A 329 -34.02 -12.46 0.23
CA GLY A 329 -33.99 -13.64 -0.63
C GLY A 329 -32.75 -14.47 -0.43
N THR A 330 -31.66 -13.84 0.01
CA THR A 330 -30.37 -14.48 0.18
C THR A 330 -29.84 -14.22 1.59
N VAL A 331 -29.76 -12.95 1.96
CA VAL A 331 -29.26 -12.55 3.27
C VAL A 331 -30.41 -12.48 4.29
N ASN A 332 -30.25 -13.23 5.37
CA ASN A 332 -31.28 -13.30 6.38
C ASN A 332 -31.30 -11.96 7.11
N LEU A 333 -32.50 -11.54 7.49
CA LEU A 333 -32.69 -10.25 8.18
C LEU A 333 -31.79 -10.11 9.41
N LYS A 334 -31.54 -11.19 10.14
CA LYS A 334 -30.65 -11.13 11.31
C LYS A 334 -29.27 -10.52 11.06
N SER A 335 -28.73 -10.63 9.85
CA SER A 335 -27.44 -9.99 9.52
C SER A 335 -27.45 -8.48 9.84
N ALA A 336 -28.57 -7.81 9.58
CA ALA A 336 -28.68 -6.36 9.84
C ALA A 336 -28.65 -5.96 11.32
N LEU A 337 -28.80 -6.92 12.23
CA LEU A 337 -28.61 -6.62 13.65
C LEU A 337 -27.13 -6.37 13.99
N GLN A 338 -26.23 -6.81 13.11
CA GLN A 338 -24.80 -6.63 13.31
C GLN A 338 -24.40 -5.16 13.17
N CYS A 339 -25.01 -4.45 12.23
CA CYS A 339 -24.75 -3.01 12.10
CA CYS A 339 -24.79 -3.01 12.09
C CYS A 339 -25.28 -2.25 13.32
N GLN A 340 -26.39 -2.72 13.88
CA GLN A 340 -26.97 -2.09 15.06
C GLN A 340 -26.00 -2.17 16.23
N ALA A 341 -25.32 -3.31 16.39
CA ALA A 341 -24.35 -3.50 17.46
C ALA A 341 -23.17 -2.53 17.35
N TRP A 342 -22.80 -2.20 16.12
CA TRP A 342 -21.66 -1.31 15.89
C TRP A 342 -21.92 0.15 16.31
N GLN A 343 -23.18 0.56 16.36
CA GLN A 343 -23.51 1.93 16.75
C GLN A 343 -22.87 2.38 18.06
N SER A 344 -22.81 1.47 19.04
CA SER A 344 -22.28 1.82 20.35
C SER A 344 -20.76 1.59 20.46
N ARG A 345 -20.16 0.99 19.43
CA ARG A 345 -18.73 0.65 19.48
C ARG A 345 -17.82 1.55 18.65
N GLN A 346 -18.41 2.47 17.88
CA GLN A 346 -17.59 3.41 17.12
C GLN A 346 -18.20 4.80 17.24
N GLU A 347 -17.37 5.82 17.05
CA GLU A 347 -17.84 7.21 17.11
C GLU A 347 -18.52 7.68 15.85
N HIS A 348 -18.04 7.22 14.70
CA HIS A 348 -18.68 7.54 13.44
C HIS A 348 -20.12 7.01 13.40
N GLN A 349 -20.97 7.74 12.71
CA GLN A 349 -22.38 7.41 12.62
C GLN A 349 -22.60 6.09 11.88
N VAL A 350 -23.59 5.32 12.34
CA VAL A 350 -24.06 4.13 11.66
C VAL A 350 -25.55 4.32 11.34
N LEU A 351 -25.88 4.36 10.06
CA LEU A 351 -27.25 4.61 9.63
C LEU A 351 -27.80 3.31 9.07
N LEU A 352 -28.94 2.89 9.59
CA LEU A 352 -29.62 1.71 9.06
C LEU A 352 -30.69 2.15 8.10
N GLN A 353 -30.77 1.51 6.94
CA GLN A 353 -31.85 1.80 5.99
C GLN A 353 -32.49 0.52 5.46
N GLU A 354 -33.71 0.26 5.91
CA GLU A 354 -34.50 -0.84 5.38
C GLU A 354 -34.98 -0.57 3.96
N LEU A 355 -34.93 -1.61 3.13
CA LEU A 355 -35.41 -1.56 1.74
C LEU A 355 -36.50 -2.63 1.57
N PRO A 356 -37.74 -2.27 1.92
CA PRO A 356 -38.79 -3.30 1.91
C PRO A 356 -39.12 -3.74 0.50
N GLY A 357 -39.14 -5.04 0.28
CA GLY A 357 -39.46 -5.61 -1.02
C GLY A 357 -38.29 -5.64 -1.98
N SER A 358 -37.09 -5.33 -1.52
CA SER A 358 -35.93 -5.26 -2.42
C SER A 358 -35.12 -6.56 -2.38
N GLU A 359 -35.08 -7.25 -3.51
CA GLU A 359 -34.32 -8.50 -3.62
C GLU A 359 -32.82 -8.25 -3.69
N HIS A 360 -32.07 -9.25 -3.24
CA HIS A 360 -30.62 -9.15 -3.05
C HIS A 360 -29.84 -8.54 -4.23
N ILE A 361 -30.08 -9.03 -5.44
CA ILE A 361 -29.39 -8.50 -6.62
C ILE A 361 -30.07 -7.29 -7.20
N GLU A 362 -31.41 -7.31 -7.23
CA GLU A 362 -32.16 -6.20 -7.82
C GLU A 362 -31.90 -4.89 -7.11
N MET A 363 -31.50 -4.92 -5.85
CA MET A 363 -31.23 -3.69 -5.12
C MET A 363 -30.15 -2.81 -5.77
N LEU A 364 -29.24 -3.41 -6.52
CA LEU A 364 -28.19 -2.69 -7.23
C LEU A 364 -28.66 -1.83 -8.41
N ALA A 365 -29.83 -2.12 -8.95
CA ALA A 365 -30.38 -1.37 -10.08
C ALA A 365 -31.67 -0.65 -9.67
N ASN A 366 -31.97 -0.63 -8.38
CA ASN A 366 -33.23 -0.10 -7.91
C ASN A 366 -33.13 1.42 -7.69
N ALA A 367 -34.15 2.14 -8.16
CA ALA A 367 -34.15 3.61 -8.12
C ALA A 367 -34.07 4.16 -6.69
N THR A 368 -34.67 3.47 -5.73
CA THR A 368 -34.59 3.88 -4.34
C THR A 368 -33.15 3.75 -3.78
N THR A 369 -32.48 2.66 -4.13
CA THR A 369 -31.10 2.49 -3.74
C THR A 369 -30.23 3.60 -4.32
N LEU A 370 -30.45 3.88 -5.60
CA LEU A 370 -29.65 4.90 -6.29
C LEU A 370 -29.93 6.29 -5.75
N ALA A 371 -31.18 6.57 -5.39
CA ALA A 371 -31.53 7.85 -4.76
C ALA A 371 -30.82 8.02 -3.42
N TYR A 372 -30.70 6.93 -2.66
CA TYR A 372 -29.99 6.98 -1.39
C TYR A 372 -28.50 7.28 -1.61
N LEU A 373 -27.89 6.58 -2.55
CA LEU A 373 -26.50 6.83 -2.88
C LEU A 373 -26.27 8.27 -3.35
N LYS A 374 -27.17 8.79 -4.16
CA LYS A 374 -27.07 10.18 -4.64
C LYS A 374 -27.00 11.16 -3.46
N ARG A 375 -27.84 10.94 -2.46
CA ARG A 375 -27.86 11.75 -1.24
C ARG A 375 -26.52 11.70 -0.50
N VAL A 376 -25.96 10.50 -0.38
CA VAL A 376 -24.66 10.32 0.28
C VAL A 376 -23.56 11.07 -0.48
N LEU A 377 -23.56 10.96 -1.79
CA LEU A 377 -22.47 11.51 -2.61
C LEU A 377 -22.58 13.01 -2.88
N LEU A 378 -23.78 13.49 -3.20
CA LEU A 378 -24.00 14.85 -3.65
C LEU A 378 -24.57 15.77 -2.56
N GLY A 379 -25.01 15.19 -1.46
CA GLY A 379 -25.29 15.97 -0.28
C GLY A 379 -26.68 16.56 -0.18
N PRO A 380 -27.55 16.42 -1.22
CA PRO A 380 -28.66 17.38 -1.40
C PRO A 380 -29.82 17.11 -0.47
N ARG B 4 28.95 -18.55 1.19
CA ARG B 4 27.67 -18.03 1.73
C ARG B 4 27.80 -16.54 2.10
N HIS B 5 26.66 -15.85 2.14
CA HIS B 5 26.67 -14.42 2.43
C HIS B 5 25.27 -13.96 2.88
N PRO B 6 25.23 -12.96 3.76
CA PRO B 6 23.93 -12.59 4.33
C PRO B 6 23.15 -11.68 3.39
N PRO B 7 21.82 -11.68 3.49
CA PRO B 7 21.02 -10.75 2.70
C PRO B 7 21.27 -9.29 3.02
N VAL B 8 21.11 -8.45 2.00
CA VAL B 8 21.49 -7.06 2.11
C VAL B 8 20.34 -6.17 1.70
N VAL B 9 20.08 -5.14 2.51
CA VAL B 9 19.08 -4.11 2.20
C VAL B 9 19.80 -2.76 2.09
N LEU B 10 19.52 -2.07 0.99
CA LEU B 10 20.13 -0.78 0.68
C LEU B 10 19.14 0.36 0.96
N VAL B 11 19.60 1.37 1.71
CA VAL B 11 18.77 2.51 2.09
C VAL B 11 19.44 3.78 1.55
N PRO B 12 18.75 4.48 0.63
CA PRO B 12 19.36 5.63 -0.01
C PRO B 12 19.21 6.93 0.78
N GLY B 13 19.90 7.96 0.33
CA GLY B 13 19.78 9.27 0.93
C GLY B 13 18.79 10.17 0.20
N ASP B 14 18.88 11.46 0.52
CA ASP B 14 18.06 12.49 -0.12
C ASP B 14 18.33 12.50 -1.61
N LEU B 15 17.27 12.64 -2.41
CA LEU B 15 17.34 12.56 -3.87
C LEU B 15 17.75 11.18 -4.39
N GLY B 16 17.73 10.18 -3.51
CA GLY B 16 18.43 8.93 -3.77
C GLY B 16 17.63 7.80 -4.34
N ASN B 17 16.39 8.08 -4.76
CA ASN B 17 15.63 7.11 -5.51
C ASN B 17 14.61 7.78 -6.42
N GLN B 18 14.18 7.04 -7.43
CA GLN B 18 13.20 7.57 -8.36
C GLN B 18 11.89 7.89 -7.62
N LEU B 19 11.16 8.88 -8.16
CA LEU B 19 9.80 9.18 -7.79
C LEU B 19 8.95 9.29 -9.03
N GLU B 20 7.68 8.88 -8.92
CA GLU B 20 6.73 8.95 -10.03
C GLU B 20 5.51 9.77 -9.62
N ALA B 21 4.90 10.43 -10.59
CA ALA B 21 3.73 11.25 -10.31
C ALA B 21 2.63 11.05 -11.34
N LYS B 22 1.41 11.33 -10.90
CA LYS B 22 0.22 11.31 -11.78
C LYS B 22 -0.58 12.56 -11.52
N LEU B 23 -1.13 13.16 -12.56
CA LEU B 23 -1.72 14.50 -12.44
C LEU B 23 -3.17 14.53 -12.87
N ASP B 24 -3.98 15.28 -12.12
CA ASP B 24 -5.33 15.71 -12.54
C ASP B 24 -5.63 17.03 -11.84
N LYS B 25 -4.93 18.09 -12.26
CA LYS B 25 -4.89 19.35 -11.51
C LYS B 25 -6.05 20.24 -11.97
N PRO B 26 -6.67 20.98 -11.05
CA PRO B 26 -7.69 21.96 -11.46
C PRO B 26 -7.10 23.17 -12.20
N THR B 27 -5.89 23.59 -11.82
CA THR B 27 -5.25 24.74 -12.42
C THR B 27 -3.75 24.52 -12.52
N VAL B 28 -3.10 25.29 -13.37
CA VAL B 28 -1.63 25.24 -13.52
C VAL B 28 -1.05 26.63 -13.40
N VAL B 29 0.24 26.70 -13.08
CA VAL B 29 0.94 27.98 -12.94
C VAL B 29 1.34 28.65 -14.27
N HIS B 30 1.55 27.85 -15.32
CA HIS B 30 1.98 28.33 -16.62
C HIS B 30 1.23 27.53 -17.70
N TYR B 31 0.98 28.15 -18.83
CA TYR B 31 0.31 27.42 -19.88
C TYR B 31 1.02 26.26 -20.48
N LEU B 32 2.34 26.18 -20.30
CA LEU B 32 3.09 25.03 -20.78
C LEU B 32 2.98 23.82 -19.83
N CYS B 33 2.37 24.00 -18.65
CA CYS B 33 2.29 22.91 -17.67
C CYS B 33 1.13 21.98 -17.99
N SER B 34 1.37 20.67 -17.96
CA SER B 34 0.30 19.68 -18.12
C SER B 34 -0.66 19.69 -16.93
N LYS B 35 -1.95 19.65 -17.21
CA LYS B 35 -2.99 19.55 -16.18
C LYS B 35 -3.23 18.08 -15.79
N LYS B 36 -3.11 17.17 -16.75
CA LYS B 36 -3.57 15.83 -16.56
C LYS B 36 -2.70 14.84 -17.27
N THR B 37 -2.46 13.70 -16.63
CA THR B 37 -1.80 12.57 -17.28
C THR B 37 -2.65 11.31 -17.07
N GLU B 38 -2.64 10.43 -18.06
CA GLU B 38 -3.36 9.17 -17.99
C GLU B 38 -2.69 8.13 -17.09
N SER B 39 -1.38 8.26 -16.93
CA SER B 39 -0.64 7.33 -16.10
C SER B 39 0.43 8.07 -15.30
N TYR B 40 1.16 7.32 -14.48
CA TYR B 40 2.28 7.86 -13.75
C TYR B 40 3.46 8.10 -14.71
N PHE B 41 4.26 9.12 -14.44
CA PHE B 41 5.49 9.38 -15.18
C PHE B 41 6.60 9.64 -14.16
N THR B 42 7.84 9.53 -14.60
CA THR B 42 8.97 9.78 -13.71
C THR B 42 9.15 11.27 -13.46
N ILE B 43 9.04 11.66 -12.21
CA ILE B 43 9.21 13.06 -11.81
C ILE B 43 10.61 13.33 -11.21
N TRP B 44 11.28 12.29 -10.75
CA TRP B 44 12.70 12.36 -10.40
C TRP B 44 13.34 11.02 -10.75
N LEU B 45 14.45 10.98 -11.52
CA LEU B 45 15.13 12.13 -12.12
C LEU B 45 14.84 12.16 -13.61
N ASN B 46 14.30 13.28 -14.09
CA ASN B 46 14.08 13.46 -15.52
C ASN B 46 14.54 14.85 -15.91
N LEU B 47 15.66 14.90 -16.64
CA LEU B 47 16.35 16.15 -16.90
C LEU B 47 15.53 17.11 -17.73
N GLU B 48 14.65 16.57 -18.58
CA GLU B 48 13.86 17.40 -19.46
C GLU B 48 12.83 18.26 -18.71
N LEU B 49 12.49 17.88 -17.47
CA LEU B 49 11.52 18.61 -16.69
C LEU B 49 12.14 19.83 -16.00
N LEU B 50 13.47 19.89 -16.00
CA LEU B 50 14.19 20.90 -15.24
C LEU B 50 14.76 22.05 -16.08
N LEU B 51 14.42 22.09 -17.38
CA LEU B 51 14.76 23.25 -18.22
C LEU B 51 14.04 24.52 -17.77
N PRO B 52 14.52 25.71 -18.14
CA PRO B 52 14.07 26.97 -17.44
C PRO B 52 12.65 27.59 -17.02
N VAL B 53 11.61 27.50 -17.84
CA VAL B 53 10.29 27.89 -17.52
C VAL B 53 9.55 26.62 -17.12
N ILE B 54 9.83 25.52 -17.84
CA ILE B 54 9.15 24.26 -17.48
C ILE B 54 9.50 23.82 -16.07
N ILE B 55 10.64 24.24 -15.53
CA ILE B 55 10.99 23.99 -14.13
C ILE B 55 9.91 24.48 -13.14
N ASP B 56 9.18 25.53 -13.50
CA ASP B 56 8.09 26.00 -12.63
C ASP B 56 6.95 24.95 -12.53
N CYS B 57 6.69 24.26 -13.63
CA CYS B 57 5.73 23.15 -13.65
C CYS B 57 6.20 22.03 -12.68
N TRP B 58 7.48 21.67 -12.79
CA TRP B 58 8.05 20.65 -11.96
C TRP B 58 7.96 21.00 -10.48
N ILE B 59 8.38 22.21 -10.15
CA ILE B 59 8.28 22.72 -8.77
C ILE B 59 6.83 22.61 -8.26
N ASP B 60 5.89 23.02 -9.09
CA ASP B 60 4.48 23.01 -8.68
C ASP B 60 3.97 21.60 -8.38
N ASN B 61 4.55 20.58 -9.01
CA ASN B 61 4.13 19.19 -8.80
C ASN B 61 4.90 18.48 -7.69
N ILE B 62 6.19 18.78 -7.56
CA ILE B 62 7.03 18.05 -6.61
C ILE B 62 7.11 18.71 -5.23
N ARG B 63 6.68 19.97 -5.13
CA ARG B 63 6.62 20.62 -3.81
C ARG B 63 5.64 19.89 -2.88
N LEU B 64 5.93 19.93 -1.58
CA LEU B 64 4.95 19.57 -0.55
C LEU B 64 4.23 20.82 -0.03
N VAL B 65 2.96 20.68 0.29
CA VAL B 65 2.19 21.75 0.92
C VAL B 65 2.16 21.49 2.43
N TYR B 66 2.55 22.49 3.22
CA TYR B 66 2.53 22.34 4.67
C TYR B 66 1.21 22.87 5.23
N ASN B 67 0.49 22.02 5.95
CA ASN B 67 -0.75 22.43 6.61
C ASN B 67 -0.46 22.73 8.08
N LYS B 68 -0.57 24.00 8.45
CA LYS B 68 -0.22 24.46 9.80
C LYS B 68 -1.16 23.93 10.88
N THR B 69 -2.41 23.67 10.50
CA THR B 69 -3.42 23.17 11.45
C THR B 69 -3.16 21.71 11.80
N SER B 70 -2.96 20.87 10.79
CA SER B 70 -2.69 19.47 11.03
C SER B 70 -1.21 19.20 11.36
N ARG B 71 -0.33 20.19 11.15
CA ARG B 71 1.11 20.02 11.28
C ARG B 71 1.60 18.83 10.45
N ALA B 72 1.17 18.80 9.20
CA ALA B 72 1.45 17.67 8.30
C ALA B 72 1.57 18.19 6.87
N THR B 73 2.31 17.47 6.03
CA THR B 73 2.43 17.85 4.64
C THR B 73 1.38 17.13 3.81
N GLN B 74 1.03 17.72 2.68
CA GLN B 74 0.16 17.08 1.72
C GLN B 74 0.64 17.40 0.30
N PHE B 75 0.22 16.62 -0.67
CA PHE B 75 0.57 16.89 -2.06
C PHE B 75 -0.32 18.01 -2.59
N PRO B 76 0.12 18.73 -3.63
CA PRO B 76 -0.77 19.73 -4.22
C PRO B 76 -2.06 19.10 -4.74
N ASP B 77 -3.11 19.90 -4.87
CA ASP B 77 -4.39 19.41 -5.37
C ASP B 77 -4.20 18.73 -6.71
N GLY B 78 -4.73 17.52 -6.83
CA GLY B 78 -4.69 16.76 -8.07
C GLY B 78 -3.34 16.15 -8.43
N VAL B 79 -2.42 16.07 -7.46
CA VAL B 79 -1.14 15.44 -7.70
C VAL B 79 -0.99 14.23 -6.81
N ASP B 80 -0.58 13.11 -7.39
CA ASP B 80 -0.12 11.97 -6.57
C ASP B 80 1.32 11.64 -6.88
N VAL B 81 2.07 11.31 -5.84
CA VAL B 81 3.47 10.93 -5.97
C VAL B 81 3.70 9.60 -5.30
N ARG B 82 4.31 8.65 -6.00
CA ARG B 82 4.60 7.35 -5.41
C ARG B 82 6.06 6.96 -5.61
N VAL B 83 6.49 5.98 -4.83
CA VAL B 83 7.86 5.50 -4.85
C VAL B 83 7.87 4.17 -5.56
N PRO B 84 8.47 4.08 -6.75
CA PRO B 84 8.60 2.78 -7.42
C PRO B 84 9.75 1.95 -6.84
N GLY B 85 9.71 0.65 -7.10
CA GLY B 85 10.90 -0.20 -6.94
C GLY B 85 11.21 -0.68 -5.54
N PHE B 86 10.23 -0.64 -4.63
CA PHE B 86 10.46 -1.15 -3.29
C PHE B 86 10.72 -2.66 -3.35
N GLY B 87 11.81 -3.11 -2.75
CA GLY B 87 12.17 -4.52 -2.79
C GLY B 87 13.05 -4.84 -3.98
N LYS B 88 13.23 -3.88 -4.91
CA LYS B 88 14.06 -4.05 -6.09
C LYS B 88 15.25 -3.07 -5.97
N THR B 89 16.11 -3.03 -6.98
CA THR B 89 17.27 -2.15 -6.90
C THR B 89 17.32 -1.11 -8.01
N PHE B 90 16.52 -1.27 -9.06
CA PHE B 90 16.67 -0.41 -10.22
C PHE B 90 16.51 1.09 -9.89
N SER B 91 15.61 1.41 -8.97
CA SER B 91 15.25 2.82 -8.74
C SER B 91 16.23 3.54 -7.84
N LEU B 92 17.11 2.81 -7.17
CA LEU B 92 18.26 3.43 -6.51
C LEU B 92 19.59 3.25 -7.25
N GLU B 93 19.66 2.33 -8.20
CA GLU B 93 20.91 2.15 -8.99
C GLU B 93 21.09 3.36 -9.91
N PHE B 94 19.99 3.73 -10.56
CA PHE B 94 19.96 4.82 -11.52
C PHE B 94 18.78 5.73 -11.20
N LEU B 95 19.07 7.01 -10.99
CA LEU B 95 18.03 7.95 -10.62
C LEU B 95 17.19 8.34 -11.84
N ASP B 96 17.88 8.37 -12.99
CA ASP B 96 17.27 8.67 -14.28
C ASP B 96 17.05 7.35 -15.01
N PRO B 97 15.79 7.01 -15.33
CA PRO B 97 15.54 5.73 -16.00
C PRO B 97 16.14 5.62 -17.41
N SER B 98 16.60 6.72 -17.99
CA SER B 98 17.45 6.65 -19.19
C SER B 98 18.80 5.97 -18.92
N LYS B 99 19.15 5.84 -17.63
CA LYS B 99 20.36 5.17 -17.15
C LYS B 99 21.61 5.96 -17.46
N SER B 100 21.43 7.27 -17.62
CA SER B 100 22.57 8.17 -17.82
C SER B 100 23.51 8.16 -16.60
N SER B 101 24.79 8.39 -16.87
CA SER B 101 25.82 8.37 -15.81
C SER B 101 25.57 9.46 -14.76
N VAL B 102 24.92 10.55 -15.15
CA VAL B 102 24.57 11.61 -14.23
C VAL B 102 23.72 11.12 -13.05
N GLY B 103 22.91 10.09 -13.28
CA GLY B 103 22.10 9.55 -12.21
C GLY B 103 22.59 8.24 -11.61
N SER B 104 23.81 7.83 -11.92
CA SER B 104 24.31 6.58 -11.39
C SER B 104 24.63 6.75 -9.91
N TYR B 105 23.96 5.97 -9.06
CA TYR B 105 24.01 6.19 -7.63
C TYR B 105 24.46 4.88 -6.93
N PHE B 106 23.56 3.93 -6.73
CA PHE B 106 23.95 2.63 -6.18
C PHE B 106 24.44 1.62 -7.23
N HIS B 107 24.46 2.01 -8.51
CA HIS B 107 24.78 1.05 -9.55
C HIS B 107 26.12 0.32 -9.40
N THR B 108 27.19 1.06 -9.09
CA THR B 108 28.50 0.44 -8.99
C THR B 108 28.52 -0.58 -7.86
N MET B 109 27.90 -0.22 -6.74
CA MET B 109 27.85 -1.11 -5.58
C MET B 109 27.07 -2.39 -5.90
N VAL B 110 25.91 -2.24 -6.56
CA VAL B 110 25.09 -3.39 -6.88
C VAL B 110 25.81 -4.30 -7.91
N GLU B 111 26.48 -3.71 -8.90
CA GLU B 111 27.31 -4.50 -9.82
C GLU B 111 28.34 -5.34 -9.08
N SER B 112 28.97 -4.76 -8.08
CA SER B 112 29.92 -5.54 -7.24
C SER B 112 29.26 -6.67 -6.47
N LEU B 113 28.14 -6.35 -5.85
CA LEU B 113 27.37 -7.37 -5.08
C LEU B 113 26.98 -8.56 -5.98
N VAL B 114 26.47 -8.25 -7.16
CA VAL B 114 26.08 -9.28 -8.12
C VAL B 114 27.29 -10.11 -8.54
N GLY B 115 28.43 -9.46 -8.78
CA GLY B 115 29.67 -10.16 -9.08
C GLY B 115 30.11 -11.08 -7.95
N TRP B 116 29.74 -10.77 -6.70
CA TRP B 116 30.02 -11.62 -5.56
C TRP B 116 28.98 -12.72 -5.31
N GLY B 117 27.94 -12.75 -6.16
CA GLY B 117 26.93 -13.81 -6.09
C GLY B 117 25.54 -13.41 -5.64
N TYR B 118 25.30 -12.11 -5.44
CA TYR B 118 23.96 -11.63 -5.06
C TYR B 118 23.08 -11.56 -6.30
N THR B 119 21.77 -11.52 -6.05
CA THR B 119 20.74 -11.47 -7.08
C THR B 119 19.76 -10.33 -6.80
N ARG B 120 19.63 -9.43 -7.76
CA ARG B 120 18.74 -8.27 -7.66
C ARG B 120 17.34 -8.70 -7.30
N GLY B 121 16.78 -8.11 -6.25
CA GLY B 121 15.39 -8.37 -5.94
C GLY B 121 15.17 -9.63 -5.11
N GLU B 122 16.25 -10.37 -4.87
CA GLU B 122 16.21 -11.54 -4.01
C GLU B 122 16.99 -11.26 -2.74
N ASP B 123 18.29 -11.58 -2.72
CA ASP B 123 19.09 -11.41 -1.50
C ASP B 123 19.79 -10.04 -1.39
N VAL B 124 19.64 -9.21 -2.44
CA VAL B 124 19.92 -7.78 -2.32
C VAL B 124 18.68 -7.02 -2.77
N ARG B 125 18.16 -6.20 -1.87
CA ARG B 125 16.97 -5.39 -2.16
C ARG B 125 17.11 -3.96 -1.74
N GLY B 126 16.46 -3.07 -2.48
CA GLY B 126 16.41 -1.67 -2.08
C GLY B 126 15.20 -1.34 -1.22
N ALA B 127 15.38 -0.34 -0.36
CA ALA B 127 14.32 0.21 0.45
C ALA B 127 14.18 1.71 0.15
N PRO B 128 13.76 2.06 -1.08
CA PRO B 128 13.49 3.46 -1.43
C PRO B 128 12.28 4.03 -0.67
N TYR B 129 12.25 5.36 -0.53
CA TYR B 129 11.20 6.03 0.19
C TYR B 129 11.03 7.43 -0.37
N ASP B 130 9.96 8.10 0.06
CA ASP B 130 9.72 9.48 -0.31
C ASP B 130 10.62 10.36 0.55
N TRP B 131 11.78 10.68 -0.02
CA TRP B 131 12.85 11.38 0.70
C TRP B 131 12.56 12.86 0.95
N ARG B 132 11.44 13.38 0.42
CA ARG B 132 11.00 14.74 0.74
C ARG B 132 10.47 14.83 2.16
N ARG B 133 10.02 13.70 2.70
CA ARG B 133 9.48 13.64 4.05
C ARG B 133 10.50 13.10 5.04
N ALA B 134 10.26 13.45 6.30
CA ALA B 134 11.01 12.92 7.41
C ALA B 134 10.29 11.68 7.93
N PRO B 135 10.90 10.95 8.86
CA PRO B 135 10.31 9.68 9.28
C PRO B 135 8.92 9.74 9.89
N ASN B 136 8.54 10.89 10.46
CA ASN B 136 7.21 11.06 11.05
C ASN B 136 6.08 10.90 10.05
N GLU B 137 6.36 11.10 8.77
CA GLU B 137 5.35 10.93 7.73
C GLU B 137 5.64 9.76 6.79
N ASN B 138 6.42 8.80 7.27
CA ASN B 138 6.72 7.63 6.47
C ASN B 138 6.53 6.33 7.25
N GLY B 139 5.49 6.33 8.09
CA GLY B 139 5.16 5.15 8.92
C GLY B 139 5.03 3.86 8.11
N PRO B 140 4.24 3.90 7.02
CA PRO B 140 4.10 2.69 6.18
C PRO B 140 5.42 2.13 5.63
N TYR B 141 6.33 3.01 5.24
CA TYR B 141 7.69 2.59 4.84
C TYR B 141 8.38 1.74 5.89
N PHE B 142 8.33 2.17 7.15
CA PHE B 142 9.01 1.40 8.20
C PHE B 142 8.35 0.04 8.47
N LEU B 143 7.03 -0.02 8.36
CA LEU B 143 6.33 -1.29 8.43
C LEU B 143 6.78 -2.25 7.30
N ALA B 144 6.84 -1.73 6.08
CA ALA B 144 7.25 -2.51 4.92
C ALA B 144 8.71 -2.95 5.04
N LEU B 145 9.56 -2.08 5.57
CA LEU B 145 10.96 -2.42 5.78
C LEU B 145 11.12 -3.55 6.78
N ARG B 146 10.40 -3.46 7.90
CA ARG B 146 10.41 -4.54 8.88
C ARG B 146 9.97 -5.87 8.27
N GLU B 147 8.87 -5.84 7.53
CA GLU B 147 8.37 -7.05 6.90
C GLU B 147 9.35 -7.62 5.88
N MET B 148 9.99 -6.75 5.09
CA MET B 148 10.93 -7.21 4.06
C MET B 148 12.15 -7.86 4.71
N ILE B 149 12.64 -7.26 5.79
CA ILE B 149 13.74 -7.82 6.54
C ILE B 149 13.40 -9.22 7.08
N GLU B 150 12.22 -9.35 7.67
CA GLU B 150 11.77 -10.66 8.19
C GLU B 150 11.70 -11.72 7.06
N GLU B 151 11.15 -11.31 5.92
CA GLU B 151 11.05 -12.21 4.77
C GLU B 151 12.43 -12.65 4.28
N MET B 152 13.34 -11.69 4.18
CA MET B 152 14.67 -11.99 3.67
C MET B 152 15.41 -12.94 4.62
N TYR B 153 15.23 -12.74 5.91
CA TYR B 153 15.80 -13.61 6.96
C TYR B 153 15.35 -15.03 6.75
N GLN B 154 14.03 -15.19 6.55
CA GLN B 154 13.46 -16.52 6.36
C GLN B 154 13.88 -17.18 5.05
N LEU B 155 13.87 -16.41 3.97
CA LEU B 155 14.18 -16.95 2.65
C LEU B 155 15.66 -17.32 2.51
N TYR B 156 16.53 -16.45 2.98
CA TYR B 156 17.97 -16.61 2.70
C TYR B 156 18.73 -17.14 3.91
N GLY B 157 18.03 -17.43 5.01
CA GLY B 157 18.61 -18.24 6.07
C GLY B 157 19.54 -17.55 7.06
N GLY B 158 19.52 -16.22 7.14
CA GLY B 158 20.20 -15.51 8.24
C GLY B 158 19.83 -14.05 8.36
N PRO B 159 20.35 -13.38 9.41
CA PRO B 159 20.11 -11.97 9.63
C PRO B 159 20.69 -11.08 8.52
N VAL B 160 20.11 -9.88 8.38
CA VAL B 160 20.35 -9.01 7.23
C VAL B 160 21.38 -7.91 7.58
N VAL B 161 22.13 -7.52 6.55
CA VAL B 161 23.04 -6.39 6.66
C VAL B 161 22.38 -5.18 6.01
N LEU B 162 22.21 -4.11 6.79
CA LEU B 162 21.69 -2.85 6.27
C LEU B 162 22.84 -1.99 5.80
N VAL B 163 22.76 -1.46 4.59
CA VAL B 163 23.76 -0.54 4.07
C VAL B 163 23.04 0.75 3.71
N ALA B 164 23.41 1.85 4.36
CA ALA B 164 22.71 3.12 4.17
C ALA B 164 23.68 4.23 3.80
N HIS B 165 23.21 5.16 2.99
CA HIS B 165 24.01 6.28 2.56
C HIS B 165 23.36 7.58 2.94
N SER B 166 24.17 8.49 3.46
CA SER B 166 23.76 9.87 3.70
C SER B 166 22.52 9.88 4.62
N MET B 167 21.48 10.63 4.26
CA MET B 167 20.26 10.71 5.07
C MET B 167 19.64 9.34 5.35
N GLY B 168 19.90 8.35 4.50
CA GLY B 168 19.38 7.00 4.74
C GLY B 168 19.85 6.46 6.07
N ASN B 169 20.98 6.95 6.55
CA ASN B 169 21.48 6.52 7.87
C ASN B 169 20.58 6.98 9.01
N MET B 170 20.03 8.19 8.88
CA MET B 170 19.15 8.74 9.89
C MET B 170 17.79 8.04 9.86
N TYR B 171 17.29 7.73 8.65
CA TYR B 171 16.11 6.85 8.51
C TYR B 171 16.34 5.49 9.18
N THR B 172 17.50 4.89 8.93
CA THR B 172 17.82 3.59 9.51
C THR B 172 17.95 3.64 11.04
N LEU B 173 18.61 4.68 11.55
CA LEU B 173 18.71 4.85 13.00
C LEU B 173 17.34 5.01 13.66
N TYR B 174 16.48 5.83 13.06
CA TYR B 174 15.11 5.98 13.54
C TYR B 174 14.43 4.62 13.63
N PHE B 175 14.51 3.86 12.54
CA PHE B 175 13.92 2.54 12.50
C PHE B 175 14.44 1.62 13.63
N LEU B 176 15.77 1.54 13.74
CA LEU B 176 16.38 0.65 14.72
C LEU B 176 16.10 1.06 16.17
N GLN B 177 16.11 2.37 16.43
CA GLN B 177 15.78 2.87 17.77
C GLN B 177 14.38 2.42 18.23
N ARG B 178 13.47 2.23 17.28
CA ARG B 178 12.11 1.87 17.58
C ARG B 178 11.78 0.38 17.52
N GLN B 179 12.78 -0.47 17.24
CA GLN B 179 12.55 -1.91 17.29
C GLN B 179 13.10 -2.45 18.60
N PRO B 180 12.37 -3.41 19.22
CA PRO B 180 12.90 -4.04 20.42
C PRO B 180 14.26 -4.70 20.20
N GLN B 181 15.07 -4.72 21.27
CA GLN B 181 16.40 -5.29 21.19
C GLN B 181 16.38 -6.75 20.73
N ALA B 182 15.40 -7.53 21.19
CA ALA B 182 15.29 -8.93 20.81
C ALA B 182 15.05 -9.10 19.31
N TRP B 183 14.27 -8.17 18.71
CA TRP B 183 14.03 -8.19 17.28
C TRP B 183 15.34 -7.93 16.53
N LYS B 184 16.09 -6.95 16.98
CA LYS B 184 17.33 -6.60 16.30
C LYS B 184 18.39 -7.69 16.42
N ASP B 185 18.44 -8.32 17.59
CA ASP B 185 19.36 -9.44 17.83
C ASP B 185 19.09 -10.62 16.90
N LYS B 186 17.81 -10.86 16.59
CA LYS B 186 17.45 -11.93 15.68
C LYS B 186 17.68 -11.59 14.21
N TYR B 187 17.21 -10.41 13.80
CA TYR B 187 17.02 -10.12 12.37
C TYR B 187 18.14 -9.28 11.72
N ILE B 188 18.96 -8.58 12.52
CA ILE B 188 19.96 -7.66 11.97
C ILE B 188 21.35 -8.20 12.24
N ARG B 189 22.14 -8.39 11.19
CA ARG B 189 23.51 -8.85 11.32
C ARG B 189 24.43 -7.67 11.59
N ALA B 190 24.28 -6.61 10.81
CA ALA B 190 25.14 -5.44 10.93
C ALA B 190 24.50 -4.28 10.19
N PHE B 191 24.98 -3.07 10.52
CA PHE B 191 24.55 -1.82 9.90
C PHE B 191 25.84 -1.15 9.41
N VAL B 192 25.97 -1.05 8.09
CA VAL B 192 27.09 -0.37 7.46
C VAL B 192 26.60 1.03 7.07
N SER B 193 27.22 2.02 7.70
CA SER B 193 26.77 3.41 7.63
C SER B 193 27.75 4.22 6.81
N LEU B 194 27.29 4.71 5.66
CA LEU B 194 28.15 5.45 4.74
C LEU B 194 27.80 6.94 4.69
N GLY B 195 28.69 7.78 5.20
CA GLY B 195 28.50 9.23 5.11
C GLY B 195 27.29 9.75 5.88
N ALA B 196 27.12 9.24 7.10
CA ALA B 196 25.97 9.58 7.93
C ALA B 196 26.07 11.00 8.52
N PRO B 197 25.02 11.82 8.33
CA PRO B 197 24.95 13.16 8.88
C PRO B 197 24.34 13.17 10.28
N TRP B 198 24.95 12.43 11.20
CA TRP B 198 24.53 12.46 12.59
C TRP B 198 24.61 13.92 13.05
N GLY B 199 23.62 14.38 13.78
CA GLY B 199 23.63 15.78 14.25
C GLY B 199 23.50 16.85 13.17
N GLY B 200 23.11 16.46 11.95
CA GLY B 200 22.82 17.44 10.91
C GLY B 200 24.06 17.94 10.21
N VAL B 201 23.87 18.75 9.17
CA VAL B 201 25.00 19.29 8.41
C VAL B 201 24.88 20.80 8.24
N ALA B 202 25.99 21.52 8.26
CA ALA B 202 25.96 22.97 8.22
C ALA B 202 25.37 23.49 6.90
N LYS B 203 25.60 22.77 5.82
CA LYS B 203 25.18 23.30 4.50
C LYS B 203 23.67 23.44 4.31
N THR B 204 22.88 22.79 5.16
CA THR B 204 21.42 22.96 5.14
C THR B 204 21.00 24.41 5.34
N LEU B 205 21.76 25.22 6.09
CA LEU B 205 21.45 26.64 6.20
C LEU B 205 21.53 27.34 4.87
N ARG B 206 22.54 27.05 4.07
CA ARG B 206 22.66 27.67 2.76
C ARG B 206 21.55 27.20 1.82
N VAL B 207 21.23 25.92 1.85
CA VAL B 207 20.14 25.37 1.05
C VAL B 207 18.84 26.13 1.30
N LEU B 208 18.48 26.29 2.57
CA LEU B 208 17.24 26.96 2.94
C LEU B 208 17.26 28.44 2.63
N ALA B 209 18.39 29.11 2.90
CA ALA B 209 18.47 30.56 2.69
C ALA B 209 18.42 30.90 1.20
N SER B 210 19.35 30.32 0.43
CA SER B 210 19.60 30.80 -0.93
C SER B 210 19.58 29.73 -2.01
N GLY B 211 19.27 28.48 -1.65
CA GLY B 211 19.19 27.38 -2.62
C GLY B 211 20.54 26.75 -2.90
N ASP B 212 20.53 25.50 -3.32
CA ASP B 212 21.76 24.77 -3.62
C ASP B 212 21.54 23.94 -4.86
N ASN B 213 22.15 24.36 -5.96
N ASN B 213 22.11 24.41 -5.98
CA ASN B 213 22.01 23.63 -7.21
CA ASN B 213 22.12 23.66 -7.24
C ASN B 213 23.22 22.78 -7.56
C ASN B 213 23.48 23.02 -7.50
N ASN B 214 24.20 22.66 -6.66
N ASN B 214 24.43 23.82 -7.98
CA ASN B 214 25.43 21.93 -6.97
CA ASN B 214 25.77 23.35 -8.33
C ASN B 214 25.21 20.52 -7.48
C ASN B 214 25.75 22.02 -9.08
N ARG B 215 24.11 19.90 -7.06
N ARG B 215 24.70 21.24 -8.86
CA ARG B 215 23.81 18.54 -7.48
CA ARG B 215 24.47 20.04 -9.66
C ARG B 215 23.05 18.55 -8.81
C ARG B 215 23.76 20.42 -10.96
N ILE B 216 22.41 19.66 -9.15
N ILE B 216 23.90 21.67 -11.37
CA ILE B 216 21.65 19.80 -10.40
CA ILE B 216 23.32 22.15 -12.63
C ILE B 216 21.77 21.23 -10.98
C ILE B 216 23.09 23.66 -12.62
N PRO B 217 22.92 21.52 -11.61
N PRO B 217 24.12 24.44 -12.99
CA PRO B 217 23.31 22.85 -12.09
CA PRO B 217 24.05 25.91 -13.06
C PRO B 217 22.44 23.44 -13.19
C PRO B 217 22.91 26.41 -13.95
N VAL B 218 21.62 22.62 -13.84
N VAL B 218 22.53 25.61 -14.94
CA VAL B 218 20.68 23.10 -14.84
CA VAL B 218 21.38 25.95 -15.79
C VAL B 218 19.51 23.87 -14.20
C VAL B 218 20.18 26.26 -14.90
N ILE B 219 19.35 23.73 -12.88
N ILE B 219 20.07 25.52 -13.81
CA ILE B 219 18.34 24.50 -12.16
CA ILE B 219 19.04 25.76 -12.80
C ILE B 219 19.00 25.66 -11.43
C ILE B 219 19.44 26.94 -11.92
N GLY B 220 18.49 26.87 -11.67
N GLY B 220 18.56 27.93 -11.81
CA GLY B 220 18.95 28.06 -10.97
CA GLY B 220 18.76 29.03 -10.88
C GLY B 220 18.69 27.95 -9.48
C GLY B 220 18.59 28.53 -9.45
N PRO B 221 19.57 28.51 -8.65
N PRO B 221 19.58 28.81 -8.59
CA PRO B 221 19.48 28.31 -7.20
CA PRO B 221 19.50 28.38 -7.20
C PRO B 221 18.17 28.79 -6.55
C PRO B 221 18.22 28.85 -6.49
N LEU B 222 17.66 29.97 -6.94
CA LEU B 222 16.44 30.51 -6.34
C LEU B 222 15.19 29.72 -6.74
N LYS B 223 15.25 29.09 -7.90
CA LYS B 223 14.16 28.25 -8.38
C LYS B 223 14.13 26.94 -7.63
N ILE B 224 15.26 26.25 -7.55
CA ILE B 224 15.31 24.97 -6.82
C ILE B 224 15.12 25.12 -5.31
N ARG B 225 15.42 26.30 -4.77
CA ARG B 225 15.19 26.58 -3.34
C ARG B 225 13.71 26.32 -2.95
N GLU B 226 12.81 26.60 -3.88
CA GLU B 226 11.38 26.36 -3.64
C GLU B 226 11.08 24.92 -3.32
N GLN B 227 11.68 23.98 -4.03
CA GLN B 227 11.50 22.56 -3.72
C GLN B 227 12.19 22.18 -2.43
N GLN B 228 13.41 22.68 -2.28
CA GLN B 228 14.23 22.27 -1.13
C GLN B 228 13.62 22.73 0.19
N ARG B 229 13.00 23.91 0.21
CA ARG B 229 12.32 24.40 1.40
C ARG B 229 11.10 23.56 1.74
N SER B 230 10.39 23.13 0.69
CA SER B 230 9.12 22.43 0.88
C SER B 230 9.28 21.01 1.43
N ALA B 231 10.48 20.47 1.25
CA ALA B 231 10.82 19.15 1.75
C ALA B 231 11.14 19.19 3.25
N VAL B 232 10.31 18.50 4.04
CA VAL B 232 10.52 18.42 5.48
C VAL B 232 11.92 17.89 5.82
N SER B 233 12.42 16.97 5.02
CA SER B 233 13.73 16.35 5.28
C SER B 233 14.87 17.38 5.31
N THR B 234 14.72 18.48 4.58
CA THR B 234 15.75 19.54 4.61
C THR B 234 15.90 20.19 6.01
N SER B 235 14.78 20.61 6.59
CA SER B 235 14.78 21.20 7.93
C SER B 235 15.16 20.19 9.01
N TRP B 236 14.78 18.95 8.82
CA TRP B 236 15.16 17.85 9.73
C TRP B 236 16.68 17.74 9.88
N LEU B 237 17.41 18.07 8.82
CA LEU B 237 18.86 17.93 8.86
C LEU B 237 19.66 19.18 9.21
N LEU B 238 19.00 20.22 9.72
CA LEU B 238 19.71 21.36 10.31
C LEU B 238 20.54 20.87 11.48
N PRO B 239 21.69 21.51 11.74
CA PRO B 239 22.52 21.18 12.88
C PRO B 239 21.79 21.03 14.20
N TYR B 240 22.18 20.01 14.96
CA TYR B 240 21.63 19.72 16.29
C TYR B 240 22.64 20.06 17.39
N ASN B 241 22.13 20.41 18.57
CA ASN B 241 22.99 20.74 19.71
C ASN B 241 23.71 19.58 20.39
N TYR B 242 23.42 18.35 20.00
CA TYR B 242 24.19 17.23 20.53
C TYR B 242 25.51 16.99 19.77
N THR B 243 25.67 17.67 18.64
CA THR B 243 26.87 17.62 17.84
C THR B 243 27.60 18.96 17.83
N TRP B 244 26.83 20.04 17.72
CA TRP B 244 27.39 21.38 17.56
C TRP B 244 27.16 22.23 18.79
N SER B 245 28.03 23.22 18.99
CA SER B 245 27.92 24.16 20.08
C SER B 245 26.73 25.09 19.87
N PRO B 246 25.94 25.35 20.93
CA PRO B 246 24.83 26.29 20.78
C PRO B 246 25.29 27.72 20.50
N GLU B 247 26.57 28.02 20.70
CA GLU B 247 27.11 29.34 20.38
C GLU B 247 27.76 29.47 18.98
N LYS B 248 27.88 28.39 18.23
CA LYS B 248 28.47 28.46 16.92
C LYS B 248 27.57 29.26 15.96
N VAL B 249 28.13 30.26 15.30
CA VAL B 249 27.41 31.04 14.30
C VAL B 249 27.53 30.35 12.95
N PHE B 250 26.41 29.92 12.38
CA PHE B 250 26.36 29.26 11.08
C PHE B 250 26.14 30.25 9.94
N VAL B 251 25.39 31.31 10.21
CA VAL B 251 25.08 32.32 9.21
C VAL B 251 25.29 33.70 9.80
N GLN B 252 26.10 34.49 9.11
CA GLN B 252 26.33 35.86 9.49
C GLN B 252 25.90 36.77 8.34
N THR B 253 25.29 37.89 8.69
CA THR B 253 24.89 38.92 7.75
C THR B 253 25.41 40.25 8.30
N PRO B 254 25.26 41.34 7.55
CA PRO B 254 25.76 42.63 8.10
C PRO B 254 25.04 43.09 9.38
N THR B 255 23.82 42.61 9.64
CA THR B 255 23.02 43.10 10.76
C THR B 255 22.65 42.07 11.82
N ILE B 256 22.89 40.81 11.57
CA ILE B 256 22.44 39.78 12.51
C ILE B 256 23.16 38.45 12.23
N ASN B 257 23.34 37.64 13.27
CA ASN B 257 23.72 36.27 13.00
C ASN B 257 22.86 35.19 13.63
N TYR B 258 23.00 34.01 13.06
CA TYR B 258 22.19 32.85 13.42
C TYR B 258 23.04 31.69 13.89
N THR B 259 22.73 31.24 15.12
CA THR B 259 23.18 29.97 15.70
C THR B 259 22.05 28.95 15.65
N LEU B 260 22.30 27.74 16.14
CA LEU B 260 21.24 26.72 16.16
C LEU B 260 20.13 27.04 17.17
N ARG B 261 20.36 28.04 18.03
CA ARG B 261 19.28 28.52 18.91
C ARG B 261 18.43 29.60 18.27
N ASP B 262 18.71 29.92 17.02
CA ASP B 262 18.05 31.04 16.33
C ASP B 262 17.26 30.63 15.09
N TYR B 263 16.84 29.37 15.01
CA TYR B 263 16.15 28.89 13.82
C TYR B 263 14.82 29.59 13.57
N ARG B 264 14.07 29.93 14.62
CA ARG B 264 12.81 30.63 14.42
C ARG B 264 13.03 31.98 13.73
N LYS B 265 14.01 32.75 14.19
CA LYS B 265 14.41 34.03 13.55
C LYS B 265 14.86 33.82 12.11
N PHE B 266 15.69 32.80 11.92
CA PHE B 266 16.24 32.46 10.60
C PHE B 266 15.11 32.22 9.60
N PHE B 267 14.16 31.39 9.99
CA PHE B 267 13.04 31.09 9.09
C PHE B 267 12.14 32.30 8.86
N GLN B 268 11.92 33.13 9.87
CA GLN B 268 11.22 34.37 9.66
C GLN B 268 11.94 35.26 8.65
N ASP B 269 13.26 35.38 8.82
CA ASP B 269 14.04 36.33 8.05
C ASP B 269 14.30 35.91 6.59
N ILE B 270 14.26 34.61 6.31
CA ILE B 270 14.34 34.17 4.94
C ILE B 270 12.97 34.09 4.25
N GLY B 271 11.90 34.35 4.99
CA GLY B 271 10.57 34.37 4.43
C GLY B 271 9.96 32.98 4.31
N PHE B 272 10.29 32.08 5.23
CA PHE B 272 9.77 30.74 5.20
C PHE B 272 9.41 30.21 6.60
N GLU B 273 8.35 30.77 7.17
CA GLU B 273 7.98 30.43 8.55
C GLU B 273 7.57 28.97 8.74
N ASP B 274 7.02 28.35 7.71
CA ASP B 274 6.67 26.93 7.77
C ASP B 274 7.85 26.03 8.10
N GLY B 275 9.05 26.44 7.70
CA GLY B 275 10.24 25.67 8.00
C GLY B 275 10.49 25.51 9.49
N TRP B 276 10.15 26.54 10.27
CA TRP B 276 10.30 26.45 11.71
C TRP B 276 9.34 25.41 12.29
N LEU B 277 8.12 25.39 11.76
CA LEU B 277 7.14 24.39 12.19
C LEU B 277 7.60 22.97 11.80
N MET B 278 8.18 22.83 10.61
CA MET B 278 8.77 21.56 10.19
C MET B 278 9.92 21.10 11.11
N ARG B 279 10.77 22.04 11.49
CA ARG B 279 11.86 21.73 12.41
C ARG B 279 11.33 21.29 13.76
N GLN B 280 10.32 22.01 14.28
CA GLN B 280 9.69 21.58 15.54
C GLN B 280 9.08 20.19 15.42
N ASP B 281 8.46 19.87 14.27
CA ASP B 281 7.85 18.55 14.05
C ASP B 281 8.91 17.42 14.11
N THR B 282 10.14 17.73 13.68
CA THR B 282 11.11 16.68 13.36
C THR B 282 12.35 16.61 14.27
N GLU B 283 12.61 17.65 15.03
CA GLU B 283 13.84 17.77 15.83
C GLU B 283 13.99 16.68 16.89
N GLY B 284 12.86 16.15 17.36
CA GLY B 284 12.89 15.12 18.38
C GLY B 284 12.76 13.68 17.89
N LEU B 285 12.70 13.46 16.59
CA LEU B 285 12.43 12.12 16.07
C LEU B 285 13.50 11.10 16.40
N VAL B 286 14.75 11.48 16.20
CA VAL B 286 15.87 10.59 16.49
C VAL B 286 16.40 10.91 17.87
N GLU B 287 16.45 9.90 18.73
CA GLU B 287 16.90 10.11 20.09
C GLU B 287 18.40 10.40 20.08
N ALA B 288 18.77 11.56 20.63
CA ALA B 288 20.09 12.14 20.55
C ALA B 288 21.22 11.17 20.94
N THR B 289 21.01 10.40 22.00
CA THR B 289 22.08 9.58 22.57
C THR B 289 21.92 8.08 22.37
N MET B 290 20.72 7.61 22.04
CA MET B 290 20.41 6.16 21.97
C MET B 290 21.09 5.51 20.78
N PRO B 291 21.93 4.48 21.01
CA PRO B 291 22.63 3.81 19.92
C PRO B 291 21.67 2.92 19.16
N PRO B 292 22.06 2.45 17.97
CA PRO B 292 21.15 1.60 17.21
C PRO B 292 21.00 0.20 17.82
N GLY B 293 21.99 -0.26 18.58
CA GLY B 293 21.90 -1.54 19.25
C GLY B 293 22.21 -2.74 18.36
N VAL B 294 22.98 -2.50 17.30
CA VAL B 294 23.48 -3.55 16.40
C VAL B 294 24.93 -3.30 16.08
N GLN B 295 25.61 -4.30 15.53
CA GLN B 295 26.99 -4.12 15.06
C GLN B 295 27.01 -3.01 14.02
N LEU B 296 27.84 -2.02 14.24
CA LEU B 296 27.83 -0.80 13.43
C LEU B 296 29.21 -0.53 12.84
N HIS B 297 29.24 -0.27 11.53
CA HIS B 297 30.46 0.14 10.83
C HIS B 297 30.22 1.55 10.33
N CYS B 298 30.89 2.53 10.94
CA CYS B 298 30.74 3.95 10.57
C CYS B 298 31.84 4.38 9.64
N LEU B 299 31.50 4.55 8.37
CA LEU B 299 32.45 4.96 7.36
C LEU B 299 32.23 6.44 7.03
N TYR B 300 33.27 7.25 7.18
CA TYR B 300 33.15 8.69 7.00
C TYR B 300 34.33 9.23 6.22
N GLY B 301 34.06 10.16 5.32
CA GLY B 301 35.11 10.82 4.55
C GLY B 301 35.76 11.97 5.29
N THR B 302 37.06 12.15 5.04
CA THR B 302 37.80 13.32 5.51
C THR B 302 38.63 13.89 4.38
N GLY B 303 39.21 15.07 4.61
CA GLY B 303 40.14 15.68 3.67
C GLY B 303 39.47 16.36 2.48
N VAL B 304 38.16 16.54 2.56
CA VAL B 304 37.44 17.28 1.54
C VAL B 304 36.89 18.55 2.17
N PRO B 305 37.16 19.72 1.57
CA PRO B 305 36.61 20.95 2.16
C PRO B 305 35.10 20.87 2.28
N THR B 306 34.57 21.11 3.47
CA THR B 306 33.16 20.93 3.77
C THR B 306 32.60 22.23 4.35
N PRO B 307 31.54 22.77 3.74
CA PRO B 307 30.94 24.00 4.28
C PRO B 307 30.64 23.93 5.76
N ASP B 308 31.09 24.92 6.50
CA ASP B 308 30.97 25.01 7.95
C ASP B 308 30.11 26.22 8.38
N SER B 309 30.17 27.31 7.64
CA SER B 309 29.44 28.54 7.99
C SER B 309 29.49 29.50 6.80
N PHE B 310 28.65 30.51 6.83
CA PHE B 310 28.36 31.36 5.69
C PHE B 310 28.27 32.82 6.07
N TYR B 311 28.82 33.68 5.22
CA TYR B 311 28.65 35.11 5.35
C TYR B 311 27.88 35.66 4.15
N TYR B 312 26.75 36.29 4.43
CA TYR B 312 25.91 36.92 3.41
C TYR B 312 26.09 38.42 3.42
N GLU B 313 26.55 38.95 2.29
CA GLU B 313 26.59 40.39 2.08
C GLU B 313 25.18 40.92 1.84
N SER B 314 24.38 40.10 1.16
CA SER B 314 23.00 40.43 0.85
C SER B 314 22.17 39.13 1.02
N PHE B 315 21.26 39.20 1.97
CA PHE B 315 20.59 38.02 2.49
C PHE B 315 19.10 38.13 2.26
N PRO B 316 18.40 37.06 1.82
CA PRO B 316 18.95 35.72 1.57
C PRO B 316 19.13 35.37 0.08
N ASP B 317 18.97 36.34 -0.82
CA ASP B 317 18.81 36.02 -2.24
C ASP B 317 20.10 36.03 -3.09
N ARG B 318 21.25 36.17 -2.45
CA ARG B 318 22.53 36.09 -3.12
C ARG B 318 23.42 35.05 -2.47
N ASP B 319 24.29 34.43 -3.26
CA ASP B 319 25.15 33.34 -2.76
C ASP B 319 26.12 33.89 -1.71
N PRO B 320 26.40 33.10 -0.67
CA PRO B 320 27.25 33.57 0.41
C PRO B 320 28.73 33.29 0.19
N LYS B 321 29.57 33.95 0.98
CA LYS B 321 30.97 33.55 1.11
C LYS B 321 30.98 32.38 2.08
N ILE B 322 31.89 31.44 1.87
CA ILE B 322 31.84 30.18 2.58
C ILE B 322 33.10 29.90 3.38
N CYS B 323 32.89 29.52 4.63
CA CYS B 323 33.96 29.00 5.52
C CYS B 323 33.92 27.48 5.52
N PHE B 324 35.08 26.84 5.30
CA PHE B 324 35.14 25.40 5.12
C PHE B 324 35.87 24.74 6.28
N GLY B 325 35.39 23.58 6.70
CA GLY B 325 36.11 22.71 7.62
C GLY B 325 36.32 21.35 7.01
N ASP B 326 36.62 20.37 7.87
CA ASP B 326 36.93 19.03 7.41
C ASP B 326 35.64 18.20 7.29
N GLY B 327 35.70 17.15 6.50
CA GLY B 327 34.58 16.24 6.26
C GLY B 327 34.69 15.64 4.86
N ASP B 328 33.54 15.31 4.28
CA ASP B 328 33.50 14.67 2.98
C ASP B 328 32.93 15.53 1.87
N GLY B 329 32.85 16.82 2.12
CA GLY B 329 32.27 17.77 1.16
C GLY B 329 30.86 18.19 1.51
N THR B 330 30.15 17.34 2.25
CA THR B 330 28.76 17.57 2.64
C THR B 330 28.61 17.39 4.14
N VAL B 331 29.03 16.25 4.66
CA VAL B 331 28.92 15.95 6.07
C VAL B 331 30.17 16.39 6.81
N ASN B 332 29.95 17.23 7.83
CA ASN B 332 31.05 17.79 8.58
C ASN B 332 31.65 16.67 9.42
N LEU B 333 32.96 16.71 9.58
CA LEU B 333 33.66 15.67 10.34
C LEU B 333 33.08 15.43 11.73
N LYS B 334 32.62 16.47 12.41
CA LYS B 334 32.02 16.34 13.73
C LYS B 334 30.88 15.30 13.84
N SER B 335 30.14 15.04 12.77
CA SER B 335 29.12 13.99 12.80
C SER B 335 29.68 12.61 13.22
N ALA B 336 30.90 12.29 12.79
CA ALA B 336 31.53 11.01 13.14
C ALA B 336 31.90 10.85 14.62
N LEU B 337 31.86 11.93 15.40
CA LEU B 337 32.03 11.82 16.85
C LEU B 337 30.81 11.17 17.51
N GLN B 338 29.68 11.17 16.81
CA GLN B 338 28.45 10.57 17.33
C GLN B 338 28.54 9.05 17.41
N CYS B 339 29.19 8.42 16.43
CA CYS B 339 29.44 6.98 16.47
C CYS B 339 30.36 6.60 17.62
N GLN B 340 31.33 7.47 17.90
CA GLN B 340 32.27 7.23 18.96
C GLN B 340 31.53 7.18 20.31
N ALA B 341 30.56 8.05 20.49
CA ALA B 341 29.78 8.08 21.73
C ALA B 341 28.99 6.79 21.95
N TRP B 342 28.56 6.16 20.86
CA TRP B 342 27.77 4.95 20.95
C TRP B 342 28.57 3.73 21.45
N GLN B 343 29.88 3.73 21.25
CA GLN B 343 30.72 2.61 21.69
C GLN B 343 30.50 2.20 23.14
N SER B 344 30.31 3.16 24.03
CA SER B 344 30.15 2.86 25.46
C SER B 344 28.68 2.62 25.85
N ARG B 345 27.76 2.84 24.92
CA ARG B 345 26.33 2.72 25.24
C ARG B 345 25.64 1.46 24.69
N GLN B 346 26.37 0.69 23.90
CA GLN B 346 25.81 -0.58 23.41
C GLN B 346 26.85 -1.67 23.52
N GLU B 347 26.40 -2.91 23.61
CA GLU B 347 27.30 -4.06 23.67
C GLU B 347 27.87 -4.48 22.36
N HIS B 348 27.08 -4.38 21.30
CA HIS B 348 27.56 -4.67 19.96
C HIS B 348 28.71 -3.74 19.59
N GLN B 349 29.64 -4.27 18.80
CA GLN B 349 30.81 -3.51 18.40
C GLN B 349 30.45 -2.32 17.50
N VAL B 350 31.18 -1.21 17.69
CA VAL B 350 31.08 -0.04 16.83
C VAL B 350 32.47 0.18 16.23
N LEU B 351 32.59 0.05 14.90
CA LEU B 351 33.87 0.19 14.22
C LEU B 351 33.84 1.48 13.46
N LEU B 352 34.84 2.32 13.68
CA LEU B 352 34.98 3.57 12.92
C LEU B 352 35.96 3.34 11.80
N GLN B 353 35.62 3.78 10.60
CA GLN B 353 36.56 3.71 9.49
C GLN B 353 36.64 5.03 8.73
N GLU B 354 37.76 5.73 8.90
CA GLU B 354 38.06 6.92 8.12
C GLU B 354 38.36 6.59 6.66
N LEU B 355 37.83 7.43 5.77
CA LEU B 355 38.07 7.32 4.33
C LEU B 355 38.68 8.63 3.85
N PRO B 356 40.02 8.73 3.93
CA PRO B 356 40.65 10.03 3.63
C PRO B 356 40.57 10.31 2.15
N GLY B 357 40.12 11.50 1.80
CA GLY B 357 40.01 11.94 0.42
C GLY B 357 38.76 11.44 -0.28
N SER B 358 37.81 10.86 0.46
CA SER B 358 36.63 10.29 -0.17
C SER B 358 35.46 11.25 -0.08
N GLU B 359 35.00 11.72 -1.24
CA GLU B 359 33.86 12.63 -1.30
C GLU B 359 32.52 11.92 -1.03
N HIS B 360 31.56 12.69 -0.54
CA HIS B 360 30.28 12.19 -0.05
C HIS B 360 29.57 11.21 -0.99
N ILE B 361 29.42 11.56 -2.26
CA ILE B 361 28.77 10.67 -3.22
C ILE B 361 29.72 9.67 -3.82
N GLU B 362 30.95 10.09 -4.11
CA GLU B 362 31.92 9.20 -4.75
C GLU B 362 32.24 7.98 -3.88
N MET B 363 32.04 8.09 -2.58
CA MET B 363 32.34 6.97 -1.69
C MET B 363 31.53 5.71 -2.03
N LEU B 364 30.36 5.89 -2.62
CA LEU B 364 29.51 4.77 -3.03
C LEU B 364 30.03 3.93 -4.19
N ALA B 365 30.94 4.49 -5.00
CA ALA B 365 31.52 3.78 -6.13
C ALA B 365 33.02 3.58 -5.94
N ASN B 366 33.51 3.84 -4.74
CA ASN B 366 34.94 3.82 -4.48
C ASN B 366 35.40 2.40 -4.11
N ALA B 367 36.50 1.97 -4.71
CA ALA B 367 37.00 0.60 -4.55
C ALA B 367 37.34 0.26 -3.10
N THR B 368 37.82 1.23 -2.33
CA THR B 368 38.12 1.03 -0.93
C THR B 368 36.85 0.81 -0.11
N THR B 369 35.79 1.56 -0.40
CA THR B 369 34.51 1.35 0.23
C THR B 369 33.98 -0.06 -0.06
N LEU B 370 34.08 -0.45 -1.31
CA LEU B 370 33.55 -1.73 -1.74
C LEU B 370 34.37 -2.87 -1.15
N ALA B 371 35.68 -2.70 -1.03
CA ALA B 371 36.52 -3.71 -0.39
C ALA B 371 36.15 -3.87 1.09
N TYR B 372 35.80 -2.78 1.76
CA TYR B 372 35.37 -2.85 3.15
C TYR B 372 34.05 -3.63 3.28
N LEU B 373 33.10 -3.30 2.41
CA LEU B 373 31.84 -4.01 2.39
C LEU B 373 32.01 -5.50 2.11
N LYS B 374 32.89 -5.84 1.17
CA LYS B 374 33.17 -7.23 0.85
C LYS B 374 33.62 -8.02 2.08
N ARG B 375 34.50 -7.41 2.88
CA ARG B 375 34.98 -7.99 4.14
C ARG B 375 33.84 -8.24 5.13
N VAL B 376 32.95 -7.25 5.25
CA VAL B 376 31.78 -7.39 6.14
C VAL B 376 30.88 -8.56 5.69
N LEU B 377 30.63 -8.65 4.39
CA LEU B 377 29.68 -9.63 3.86
C LEU B 377 30.22 -11.03 3.70
N LEU B 378 31.44 -11.15 3.19
CA LEU B 378 32.01 -12.44 2.83
C LEU B 378 33.02 -12.96 3.87
N GLY B 379 33.41 -12.12 4.80
CA GLY B 379 34.05 -12.63 6.01
C GLY B 379 35.52 -12.73 5.96
N PRO B 380 36.23 -12.34 4.85
CA PRO B 380 37.70 -12.59 4.75
C PRO B 380 38.54 -11.71 5.68
#